data_9B8R
#
_entry.id   9B8R
#
loop_
_entity.id
_entity.type
_entity.pdbx_description
1 polymer 'Primer DNA'
2 polymer 'Template DNA'
3 polymer 'DNA polymerase epsilon catalytic subunit'
4 non-polymer 'IRON/SULFUR CLUSTER'
#
loop_
_entity_poly.entity_id
_entity_poly.type
_entity_poly.pdbx_seq_one_letter_code
_entity_poly.pdbx_strand_id
1 'polydeoxyribonucleotide' (DC)(DT)(DG)(DT)(DT)(DG)(DC)(DT)(DG)(DC) P
2 'polydeoxyribonucleotide' (DT)(DA)(DG)(DC)(DA)(DG)(DC)(DA)(DA)(DC)(DA)(DG) T
3 'polypeptide(L)'
;SNNYALSAQQLLNASKIDDIDSMMGFERYVPPQYNGRFDAKDIDQIPGRVGWLTNMHATLVSQETLSSGSNGGGNSNDGE
RVTTNQGISGVDFYFLDEEGGSFKSTVVYDPYFFIACNDESRVNDVEELVKKYLESCLKSLQIIRKEDLTMDNHLLGLQK
TLIKLSFVNSNQLFEARKLLRPILQDNANNNVQRNIYNVAANGSEKVDAKHLIEDIREYDVPYHVRVSIDKDIRVGKWYK
VTQQGFIEDTRKIAFADPVVMAFDIETTKPPLKFPDSAVDQIMMISYMIDGEGFLITNREIISEDIEDFEYTPKPEYPGF
FTIFNENDEVALLQRFFEHIRDVRPTVISTFNGDFFDWPFIHNRSKIHGLDMFDEIGFAPDAEGEYKSSYCSHMDCFRWV
KRDSYLPQGSQGLKAVTQSKLGYNPIELDPELMTPYAFEKPQHLSEYSVSDAVATYYLYMKYVHPFIFSLCTIIPLNPDE
TLRKGTGTLCEMLLMVQAYQHNILLPNKHTDPIERFYDGHLLESETYVGGHVESLEAGVFRSDLKNEFKIDPSAIDELLQ
ELPEALKFSVEVENKSSVDKVTNFEEIKNQITQKLLELKENNIRNELPLIYHVDVASMYPNIMTTNRLQPDSIKAERDCA
SCDFNRPGKTCARKLKWAWRGEFFPSKMDEYNMIKRALQNETFPNKNKFSKKKVLTFDELSYADQVIHIKKRLTEYSRKV
YHRVKVSEIVEREAIVCQRENPFYVDTVKSFRDRRYEFKGLAKTWKGNLSKIDPSDKHARDEAKKMIVLYDSLQLAHKVI
LNSFYGYVMRKGSRWYSMEMAGITCLTGATIIQMARALVERVGRPLELDTDGIWCILPKSFPETYFFTLENGKKLYLSYP
CSMLNYRVHQKFTNHQYQELKDPLNYIYETHSENTIFFEVDGPYKAMILPSSKEEGKGIKKRYAVFNEDGSLAELKGFEL
KRRGELQLIKNFQSDIFKVFLEGDTLEGCYSAVASVCNRWLDVLDSHGLMLEDEDLVSLICENRSMSKTLKEYEGQKSTS
ITTARRLGDFLGEDMVKDKGLQCKYIISSKPFNAPVTERAIPVAIFSADIPIKRSFLRRWTLDPSLEDLDIRTIIDWGYY
RERLGSAIQKIITIPAALQGVSNPVPRVEHPDWLKRKIAT
;
E
#
loop_
_chem_comp.id
_chem_comp.type
_chem_comp.name
_chem_comp.formula
DA DNA linking 2'-DEOXYADENOSINE-5'-MONOPHOSPHATE 'C10 H14 N5 O6 P'
DC DNA linking 2'-DEOXYCYTIDINE-5'-MONOPHOSPHATE 'C9 H14 N3 O7 P'
DG DNA linking 2'-DEOXYGUANOSINE-5'-MONOPHOSPHATE 'C10 H14 N5 O7 P'
DT DNA linking THYMIDINE-5'-MONOPHOSPHATE 'C10 H15 N2 O8 P'
SF4 non-polymer 'IRON/SULFUR CLUSTER' 'Fe4 S4'
#
# COMPACT_ATOMS: atom_id res chain seq x y z
N SER C 1 -18.01 -11.39 -39.15
CA SER C 1 -18.73 -10.10 -39.28
C SER C 1 -18.63 -9.24 -38.01
N ASN C 2 -18.80 -9.85 -36.83
CA ASN C 2 -18.71 -9.12 -35.55
C ASN C 2 -17.32 -8.53 -35.27
N ASN C 3 -16.24 -9.18 -35.72
CA ASN C 3 -14.88 -8.67 -35.47
C ASN C 3 -14.52 -7.49 -36.38
N TYR C 4 -15.08 -7.49 -37.60
CA TYR C 4 -14.88 -6.29 -38.46
C TYR C 4 -15.68 -5.15 -37.83
N ALA C 5 -16.94 -5.43 -37.49
CA ALA C 5 -17.78 -4.42 -36.85
C ALA C 5 -17.11 -3.80 -35.59
N LEU C 6 -16.51 -4.63 -34.73
CA LEU C 6 -15.78 -4.16 -33.55
C LEU C 6 -14.53 -3.33 -33.94
N SER C 7 -13.77 -3.77 -34.95
CA SER C 7 -12.61 -3.01 -35.43
C SER C 7 -12.99 -1.67 -36.05
N ALA C 8 -14.14 -1.58 -36.74
CA ALA C 8 -14.66 -0.32 -37.26
C ALA C 8 -15.13 0.60 -36.13
N GLN C 9 -15.82 0.07 -35.11
CA GLN C 9 -16.22 0.83 -33.92
C GLN C 9 -15.00 1.40 -33.17
N GLN C 10 -13.92 0.60 -33.03
CA GLN C 10 -12.68 1.04 -32.39
C GLN C 10 -11.95 2.11 -33.22
N LEU C 11 -11.92 2.01 -34.55
CA LEU C 11 -11.40 3.06 -35.43
C LEU C 11 -12.20 4.36 -35.31
N LEU C 12 -13.52 4.27 -35.18
CA LEU C 12 -14.39 5.44 -35.03
C LEU C 12 -14.16 6.14 -33.68
N ASN C 13 -13.97 5.37 -32.61
CA ASN C 13 -13.54 5.92 -31.32
C ASN C 13 -12.12 6.52 -31.40
N ALA C 14 -11.18 5.90 -32.11
CA ALA C 14 -9.83 6.42 -32.30
C ALA C 14 -9.84 7.75 -33.09
N SER C 15 -10.70 7.89 -34.10
CA SER C 15 -10.90 9.15 -34.82
C SER C 15 -11.43 10.25 -33.89
N LYS C 16 -12.45 9.96 -33.08
CA LYS C 16 -12.94 10.92 -32.07
C LYS C 16 -11.84 11.35 -31.09
N ILE C 17 -11.00 10.42 -30.66
CA ILE C 17 -9.86 10.72 -29.80
C ILE C 17 -8.83 11.61 -30.52
N ASP C 18 -8.53 11.34 -31.80
CA ASP C 18 -7.64 12.17 -32.61
C ASP C 18 -8.19 13.61 -32.77
N ASP C 19 -9.50 13.77 -32.95
CA ASP C 19 -10.17 15.09 -33.05
C ASP C 19 -10.06 15.87 -31.73
N ILE C 20 -10.36 15.21 -30.59
CA ILE C 20 -10.21 15.78 -29.24
C ILE C 20 -8.75 16.14 -28.92
N ASP C 21 -7.82 15.25 -29.22
CA ASP C 21 -6.39 15.49 -28.97
C ASP C 21 -5.91 16.71 -29.75
N SER C 22 -6.31 16.85 -31.02
CA SER C 22 -5.96 17.98 -31.87
C SER C 22 -6.56 19.30 -31.35
N MET C 23 -7.80 19.29 -30.87
CA MET C 23 -8.43 20.44 -30.17
C MET C 23 -7.61 20.88 -28.97
N MET C 24 -7.05 19.93 -28.22
CA MET C 24 -6.22 20.17 -27.02
C MET C 24 -4.72 20.35 -27.34
N GLY C 25 -4.36 20.53 -28.62
CA GLY C 25 -2.99 20.84 -29.07
C GLY C 25 -2.11 19.63 -29.41
N PHE C 26 -2.58 18.41 -29.19
CA PHE C 26 -1.86 17.16 -29.46
C PHE C 26 -2.03 16.66 -30.90
N GLU C 27 -1.65 17.52 -31.86
CA GLU C 27 -1.49 17.16 -33.27
C GLU C 27 -0.53 15.97 -33.46
N ARG C 28 -0.84 15.05 -34.39
CA ARG C 28 -0.03 13.85 -34.63
C ARG C 28 1.19 14.19 -35.49
N TYR C 29 2.32 14.39 -34.81
CA TYR C 29 3.63 14.60 -35.43
C TYR C 29 4.18 13.30 -36.06
N VAL C 30 4.55 13.41 -37.34
CA VAL C 30 5.28 12.38 -38.10
C VAL C 30 6.68 12.92 -38.42
N PRO C 31 7.76 12.27 -37.96
CA PRO C 31 9.12 12.78 -38.14
C PRO C 31 9.61 12.70 -39.59
N PRO C 32 10.52 13.59 -40.03
CA PRO C 32 11.10 13.57 -41.37
C PRO C 32 11.84 12.27 -41.68
N GLN C 33 11.83 11.85 -42.95
CA GLN C 33 12.63 10.70 -43.38
C GLN C 33 14.13 10.99 -43.28
N TYR C 34 14.88 10.04 -42.71
CA TYR C 34 16.32 10.13 -42.51
C TYR C 34 17.00 8.80 -42.87
N ASN C 35 17.72 8.79 -43.99
CA ASN C 35 18.44 7.62 -44.50
C ASN C 35 19.89 7.51 -43.97
N GLY C 36 20.29 8.35 -43.02
CA GLY C 36 21.64 8.37 -42.46
C GLY C 36 21.91 7.22 -41.48
N ARG C 37 23.17 7.10 -41.03
CA ARG C 37 23.56 6.08 -40.06
C ARG C 37 22.98 6.46 -38.69
N PHE C 38 22.22 5.53 -38.10
CA PHE C 38 21.63 5.70 -36.77
C PHE C 38 22.69 5.46 -35.67
N ASP C 39 23.07 6.50 -34.96
CA ASP C 39 23.82 6.44 -33.70
C ASP C 39 23.21 7.45 -32.71
N ALA C 40 22.84 6.99 -31.51
CA ALA C 40 22.24 7.81 -30.48
C ALA C 40 23.21 8.87 -29.90
N LYS C 41 24.52 8.74 -30.14
CA LYS C 41 25.51 9.76 -29.70
C LYS C 41 25.40 11.07 -30.46
N ASP C 42 25.00 11.02 -31.73
CA ASP C 42 24.83 12.18 -32.59
C ASP C 42 23.35 12.63 -32.66
N ILE C 43 22.62 12.48 -31.53
CA ILE C 43 21.17 12.74 -31.42
C ILE C 43 20.76 14.11 -31.99
N ASP C 44 21.61 15.12 -31.83
CA ASP C 44 21.34 16.49 -32.28
C ASP C 44 21.33 16.62 -33.83
N GLN C 45 22.00 15.66 -34.48
CA GLN C 45 21.92 15.58 -35.96
C GLN C 45 20.75 14.63 -36.26
N ILE C 46 20.49 13.69 -35.34
CA ILE C 46 19.36 12.74 -35.52
C ILE C 46 18.10 13.56 -35.80
N PRO C 47 17.17 13.10 -36.66
CA PRO C 47 16.04 13.92 -37.11
C PRO C 47 14.74 13.67 -36.36
N GLY C 48 13.72 14.48 -36.64
CA GLY C 48 12.39 14.30 -35.99
C GLY C 48 12.14 15.36 -34.94
N ARG C 49 12.03 14.96 -33.67
CA ARG C 49 11.76 15.87 -32.55
C ARG C 49 12.03 15.17 -31.22
N VAL C 50 12.73 15.83 -30.31
CA VAL C 50 12.94 15.34 -28.94
C VAL C 50 11.76 15.76 -28.07
N GLY C 51 11.31 14.87 -27.17
CA GLY C 51 10.32 15.21 -26.18
C GLY C 51 10.28 14.26 -24.99
N TRP C 52 9.81 14.76 -23.86
CA TRP C 52 9.50 14.00 -22.66
C TRP C 52 8.10 13.40 -22.77
N LEU C 53 7.99 12.07 -22.67
CA LEU C 53 6.73 11.36 -22.82
C LEU C 53 5.86 11.51 -21.56
N THR C 54 4.81 12.33 -21.61
CA THR C 54 3.93 12.60 -20.46
C THR C 54 2.74 11.64 -20.39
N ASN C 55 2.15 11.23 -21.52
CA ASN C 55 0.96 10.36 -21.54
C ASN C 55 0.93 9.40 -22.75
N MET C 56 0.68 8.08 -22.36
CA MET C 56 0.60 7.10 -23.45
C MET C 56 -0.67 6.24 -23.37
N HIS C 57 -1.26 5.91 -24.53
CA HIS C 57 -2.49 5.10 -24.65
C HIS C 57 -2.48 4.17 -25.87
N ALA C 58 -3.12 3.01 -25.75
CA ALA C 58 -3.33 2.11 -26.88
C ALA C 58 -4.41 2.64 -27.84
N THR C 59 -4.14 2.61 -29.14
CA THR C 59 -5.05 3.08 -30.21
C THR C 59 -5.13 2.08 -31.37
N LEU C 60 -6.05 2.32 -32.30
CA LEU C 60 -6.21 1.56 -33.54
C LEU C 60 -6.15 2.51 -34.73
N VAL C 61 -5.14 2.35 -35.58
CA VAL C 61 -4.81 3.30 -36.66
C VAL C 61 -5.20 2.74 -38.03
N SER C 62 -5.64 3.62 -38.92
CA SER C 62 -5.86 3.29 -40.34
C SER C 62 -4.53 3.32 -41.11
N GLY C 87 -8.20 -2.16 -38.74
CA GLY C 87 -7.27 -1.25 -38.07
C GLY C 87 -6.03 -1.98 -37.56
N ILE C 88 -4.88 -1.28 -37.55
CA ILE C 88 -3.60 -1.75 -37.04
C ILE C 88 -3.45 -1.28 -35.59
N SER C 89 -2.98 -2.12 -34.67
CA SER C 89 -2.73 -1.67 -33.29
C SER C 89 -1.48 -0.79 -33.20
N GLY C 90 -1.59 0.30 -32.43
CA GLY C 90 -0.52 1.25 -32.15
C GLY C 90 -0.66 1.85 -30.76
N VAL C 91 0.34 2.59 -30.32
CA VAL C 91 0.31 3.37 -29.07
C VAL C 91 0.58 4.82 -29.42
N ASP C 92 -0.31 5.71 -28.99
CA ASP C 92 -0.11 7.16 -29.04
C ASP C 92 0.66 7.61 -27.79
N PHE C 93 1.68 8.43 -28.01
CA PHE C 93 2.57 8.98 -26.99
C PHE C 93 2.49 10.51 -27.03
N TYR C 94 2.26 11.11 -25.87
CA TYR C 94 1.91 12.52 -25.72
C TYR C 94 3.09 13.29 -25.15
N PHE C 95 3.74 14.18 -25.84
CA PHE C 95 4.97 14.69 -25.19
C PHE C 95 4.86 16.12 -24.66
N LEU C 96 4.76 16.23 -23.33
CA LEU C 96 4.76 17.58 -22.77
C LEU C 96 5.92 18.20 -23.53
N ASP C 97 6.87 17.37 -23.88
CA ASP C 97 7.92 17.90 -24.76
C ASP C 97 8.67 19.06 -24.10
N GLU C 98 9.83 19.31 -24.69
CA GLU C 98 10.65 20.42 -24.20
C GLU C 98 10.21 21.54 -25.08
N GLU C 99 10.39 22.74 -24.58
CA GLU C 99 10.08 23.85 -25.49
C GLU C 99 8.59 23.84 -25.78
N GLY C 100 8.09 22.85 -26.51
CA GLY C 100 6.70 22.92 -27.00
C GLY C 100 5.63 22.83 -25.93
N GLY C 101 4.41 23.20 -26.31
CA GLY C 101 3.27 23.03 -25.42
C GLY C 101 2.88 21.57 -25.45
N SER C 102 3.08 20.91 -26.60
CA SER C 102 2.81 19.45 -26.69
C SER C 102 2.69 18.95 -28.13
N PHE C 103 2.80 17.63 -28.33
CA PHE C 103 2.61 17.00 -29.66
C PHE C 103 2.51 15.49 -29.53
N LYS C 104 1.58 14.86 -30.25
CA LYS C 104 1.62 13.40 -30.07
C LYS C 104 2.33 12.69 -31.21
N SER C 105 2.80 11.47 -30.97
CA SER C 105 3.35 10.60 -32.01
C SER C 105 2.99 9.14 -31.75
N THR C 106 2.89 8.34 -32.82
CA THR C 106 2.33 6.98 -32.75
C THR C 106 3.38 5.94 -33.11
N VAL C 107 3.51 4.89 -32.29
CA VAL C 107 4.31 3.70 -32.64
C VAL C 107 3.38 2.53 -32.91
N VAL C 108 3.43 1.99 -34.14
CA VAL C 108 2.75 0.74 -34.51
C VAL C 108 3.63 -0.47 -34.19
N TYR C 109 3.00 -1.54 -33.67
CA TYR C 109 3.70 -2.77 -33.31
C TYR C 109 2.74 -3.97 -33.33
N ASP C 110 3.15 -5.11 -33.87
CA ASP C 110 2.26 -6.27 -33.96
C ASP C 110 2.05 -6.90 -32.57
N PRO C 111 0.79 -7.04 -32.07
CA PRO C 111 0.50 -7.86 -30.91
C PRO C 111 0.94 -9.31 -31.16
N TYR C 112 1.53 -9.96 -30.16
CA TYR C 112 1.99 -11.34 -30.28
C TYR C 112 1.83 -12.16 -29.00
N PHE C 113 1.87 -13.48 -29.13
CA PHE C 113 2.08 -14.44 -28.02
C PHE C 113 2.80 -15.70 -28.53
N PHE C 114 3.09 -16.64 -27.63
CA PHE C 114 3.82 -17.87 -27.97
C PHE C 114 3.00 -19.15 -27.78
N ILE C 115 3.26 -20.17 -28.61
CA ILE C 115 2.90 -21.57 -28.33
C ILE C 115 4.14 -22.31 -27.85
N ALA C 116 3.97 -23.12 -26.79
CA ALA C 116 4.94 -24.09 -26.31
C ALA C 116 4.61 -25.50 -26.85
N CYS C 117 5.66 -26.25 -27.21
CA CYS C 117 5.57 -27.63 -27.64
C CYS C 117 6.15 -28.57 -26.57
N ASN C 118 5.57 -29.77 -26.43
CA ASN C 118 6.08 -30.81 -25.53
C ASN C 118 7.27 -31.60 -26.13
N ASP C 119 7.34 -31.73 -27.45
CA ASP C 119 8.42 -32.37 -28.20
C ASP C 119 9.05 -31.38 -29.19
N GLU C 120 10.28 -30.96 -28.91
CA GLU C 120 11.02 -30.01 -29.76
C GLU C 120 11.44 -30.60 -31.12
N SER C 121 11.38 -31.93 -31.30
CA SER C 121 11.73 -32.57 -32.58
C SER C 121 10.64 -32.41 -33.64
N ARG C 122 9.39 -32.13 -33.24
CA ARG C 122 8.21 -32.05 -34.12
C ARG C 122 7.55 -30.67 -34.14
N VAL C 123 8.31 -29.60 -33.83
CA VAL C 123 7.81 -28.20 -33.88
C VAL C 123 7.26 -27.85 -35.27
N ASN C 124 7.88 -28.33 -36.35
CA ASN C 124 7.42 -28.08 -37.72
C ASN C 124 6.01 -28.66 -38.00
N ASP C 125 5.66 -29.83 -37.43
CA ASP C 125 4.31 -30.41 -37.54
C ASP C 125 3.27 -29.51 -36.82
N VAL C 126 3.65 -28.88 -35.70
CA VAL C 126 2.80 -27.92 -34.97
C VAL C 126 2.69 -26.61 -35.74
N GLU C 127 3.79 -26.16 -36.36
CA GLU C 127 3.81 -24.96 -37.20
C GLU C 127 2.81 -25.05 -38.37
N GLU C 128 2.84 -26.16 -39.11
CA GLU C 128 1.91 -26.41 -40.22
C GLU C 128 0.45 -26.46 -39.73
N LEU C 129 0.21 -27.15 -38.60
CA LEU C 129 -1.11 -27.20 -37.97
C LEU C 129 -1.63 -25.80 -37.62
N VAL C 130 -0.82 -24.95 -36.96
CA VAL C 130 -1.31 -23.64 -36.51
C VAL C 130 -1.44 -22.62 -37.62
N LYS C 131 -0.57 -22.64 -38.65
CA LYS C 131 -0.75 -21.87 -39.88
C LYS C 131 -2.13 -22.14 -40.49
N LYS C 132 -2.50 -23.41 -40.61
CA LYS C 132 -3.76 -23.85 -41.23
C LYS C 132 -4.98 -23.69 -40.33
N TYR C 133 -4.80 -23.73 -39.00
CA TYR C 133 -5.90 -23.62 -38.04
C TYR C 133 -6.24 -22.17 -37.66
N LEU C 134 -5.27 -21.24 -37.76
CA LEU C 134 -5.42 -19.83 -37.40
C LEU C 134 -5.41 -18.86 -38.60
N GLU C 135 -5.46 -19.39 -39.83
CA GLU C 135 -5.43 -18.66 -41.12
C GLU C 135 -6.38 -17.44 -41.17
N SER C 136 -7.52 -17.50 -40.46
CA SER C 136 -8.51 -16.42 -40.41
C SER C 136 -8.11 -15.18 -39.60
N CYS C 137 -7.02 -15.22 -38.83
CA CYS C 137 -6.64 -14.15 -37.89
C CYS C 137 -5.13 -13.92 -37.75
N LEU C 138 -4.29 -14.92 -38.05
CA LEU C 138 -2.84 -14.85 -37.92
C LEU C 138 -2.23 -13.94 -39.01
N LYS C 139 -1.36 -13.00 -38.63
CA LYS C 139 -0.60 -12.15 -39.57
C LYS C 139 0.67 -12.85 -40.02
N SER C 140 1.46 -13.31 -39.06
CA SER C 140 2.73 -14.00 -39.30
C SER C 140 3.07 -14.93 -38.16
N LEU C 141 4.00 -15.85 -38.43
CA LEU C 141 4.49 -16.85 -37.50
C LEU C 141 6.02 -16.89 -37.60
N GLN C 142 6.70 -17.13 -36.49
CA GLN C 142 8.16 -17.29 -36.43
C GLN C 142 8.55 -18.25 -35.30
N ILE C 143 9.47 -19.18 -35.55
CA ILE C 143 10.09 -19.97 -34.48
C ILE C 143 11.16 -19.11 -33.79
N ILE C 144 11.10 -19.01 -32.46
CA ILE C 144 12.08 -18.30 -31.63
C ILE C 144 12.57 -19.19 -30.46
N ARG C 145 13.58 -18.69 -29.73
CA ARG C 145 14.12 -19.34 -28.54
C ARG C 145 14.18 -18.36 -27.38
N LYS C 146 13.75 -18.79 -26.19
CA LYS C 146 13.82 -18.03 -24.93
C LYS C 146 14.35 -18.91 -23.81
N GLU C 147 14.95 -18.29 -22.80
CA GLU C 147 15.32 -19.01 -21.58
C GLU C 147 14.05 -19.30 -20.76
N ASP C 148 13.82 -20.55 -20.37
CA ASP C 148 12.71 -20.94 -19.48
C ASP C 148 13.31 -21.53 -18.20
N LEU C 149 13.18 -20.82 -17.07
CA LEU C 149 13.82 -21.20 -15.80
C LEU C 149 13.25 -22.48 -15.16
N THR C 150 12.14 -22.99 -15.71
CA THR C 150 11.56 -24.30 -15.37
C THR C 150 12.11 -25.45 -16.22
N MET C 151 12.86 -25.17 -17.30
CA MET C 151 13.50 -26.17 -18.13
C MET C 151 14.75 -26.74 -17.44
N ASP C 152 14.90 -28.06 -17.46
CA ASP C 152 16.09 -28.75 -16.98
C ASP C 152 17.34 -28.29 -17.75
N ASN C 153 18.39 -27.89 -17.03
CA ASN C 153 19.69 -27.47 -17.57
C ASN C 153 19.70 -26.18 -18.43
N HIS C 154 18.70 -25.30 -18.30
CA HIS C 154 18.74 -23.98 -18.94
C HIS C 154 19.99 -23.16 -18.54
N LEU C 155 20.54 -23.37 -17.34
CA LEU C 155 21.82 -22.79 -16.85
C LEU C 155 23.07 -23.19 -17.66
N LEU C 156 22.94 -24.07 -18.66
CA LEU C 156 23.96 -24.38 -19.66
C LEU C 156 23.69 -23.69 -21.03
N GLY C 157 22.76 -22.74 -21.07
CA GLY C 157 22.31 -22.07 -22.29
C GLY C 157 21.25 -22.82 -23.09
N LEU C 158 20.64 -23.88 -22.53
CA LEU C 158 19.51 -24.54 -23.18
C LEU C 158 18.27 -23.63 -23.15
N GLN C 159 17.70 -23.36 -24.31
CA GLN C 159 16.56 -22.45 -24.49
C GLN C 159 15.37 -23.21 -25.04
N LYS C 160 14.16 -22.91 -24.52
CA LYS C 160 12.92 -23.53 -25.00
C LYS C 160 12.56 -22.96 -26.38
N THR C 161 12.29 -23.87 -27.31
CA THR C 161 11.80 -23.54 -28.65
C THR C 161 10.32 -23.19 -28.60
N LEU C 162 9.95 -22.05 -29.18
CA LEU C 162 8.61 -21.47 -29.11
C LEU C 162 8.15 -20.99 -30.49
N ILE C 163 6.86 -21.09 -30.76
CA ILE C 163 6.26 -20.53 -31.97
C ILE C 163 5.64 -19.18 -31.61
N LYS C 164 6.26 -18.07 -32.06
CA LYS C 164 5.72 -16.71 -31.99
C LYS C 164 4.60 -16.55 -33.02
N LEU C 165 3.41 -16.23 -32.54
CA LEU C 165 2.26 -15.86 -33.36
C LEU C 165 2.07 -14.35 -33.29
N SER C 166 2.08 -13.66 -34.43
CA SER C 166 1.89 -12.21 -34.51
C SER C 166 0.60 -11.88 -35.26
N PHE C 167 -0.03 -10.78 -34.88
CA PHE C 167 -1.38 -10.38 -35.32
C PHE C 167 -1.37 -8.92 -35.81
N VAL C 168 -2.36 -8.53 -36.60
CA VAL C 168 -2.50 -7.13 -37.07
C VAL C 168 -3.00 -6.21 -35.95
N ASN C 169 -3.85 -6.75 -35.07
CA ASN C 169 -4.40 -6.03 -33.91
C ASN C 169 -4.80 -6.97 -32.77
N SER C 170 -5.07 -6.38 -31.61
CA SER C 170 -5.40 -7.11 -30.38
C SER C 170 -6.70 -7.94 -30.47
N ASN C 171 -7.65 -7.58 -31.35
CA ASN C 171 -8.88 -8.36 -31.54
C ASN C 171 -8.56 -9.71 -32.20
N GLN C 172 -7.72 -9.72 -33.25
CA GLN C 172 -7.29 -10.95 -33.92
C GLN C 172 -6.49 -11.87 -32.99
N LEU C 173 -5.65 -11.31 -32.12
CA LEU C 173 -4.96 -12.04 -31.06
C LEU C 173 -5.95 -12.74 -30.11
N PHE C 174 -7.04 -12.05 -29.75
CA PHE C 174 -8.07 -12.60 -28.86
C PHE C 174 -8.87 -13.74 -29.51
N GLU C 175 -9.16 -13.66 -30.81
CA GLU C 175 -9.78 -14.77 -31.56
C GLU C 175 -8.88 -15.99 -31.65
N ALA C 176 -7.58 -15.82 -31.89
CA ALA C 176 -6.63 -16.93 -31.86
C ALA C 176 -6.63 -17.64 -30.49
N ARG C 177 -6.69 -16.89 -29.39
CA ARG C 177 -6.84 -17.45 -28.03
C ARG C 177 -8.15 -18.23 -27.86
N LYS C 178 -9.26 -17.75 -28.41
CA LYS C 178 -10.56 -18.46 -28.40
C LYS C 178 -10.54 -19.76 -29.19
N LEU C 179 -9.78 -19.82 -30.29
CA LEU C 179 -9.60 -21.02 -31.10
C LEU C 179 -8.66 -22.05 -30.44
N LEU C 180 -7.59 -21.61 -29.77
CA LEU C 180 -6.62 -22.51 -29.13
C LEU C 180 -7.09 -23.08 -27.79
N ARG C 181 -7.83 -22.31 -26.97
CA ARG C 181 -8.23 -22.75 -25.61
C ARG C 181 -8.98 -24.11 -25.57
N PRO C 182 -9.90 -24.44 -26.50
CA PRO C 182 -10.52 -25.76 -26.57
C PRO C 182 -9.53 -26.91 -26.78
N ILE C 183 -8.47 -26.72 -27.58
CA ILE C 183 -7.45 -27.75 -27.82
C ILE C 183 -6.67 -28.03 -26.53
N LEU C 184 -6.27 -26.98 -25.80
CA LEU C 184 -5.60 -27.11 -24.51
C LEU C 184 -6.47 -27.83 -23.47
N GLN C 185 -7.78 -27.53 -23.46
CA GLN C 185 -8.74 -28.20 -22.57
C GLN C 185 -8.98 -29.67 -22.93
N ASP C 186 -8.97 -30.02 -24.22
CA ASP C 186 -9.10 -31.40 -24.67
C ASP C 186 -7.83 -32.21 -24.32
N ASN C 187 -6.65 -31.66 -24.63
CA ASN C 187 -5.34 -32.23 -24.29
C ASN C 187 -5.18 -32.48 -22.78
N ALA C 188 -5.63 -31.56 -21.94
CA ALA C 188 -5.50 -31.68 -20.48
C ALA C 188 -6.48 -32.68 -19.84
N ASN C 189 -7.66 -32.89 -20.44
CA ASN C 189 -8.72 -33.73 -19.85
C ASN C 189 -8.74 -35.17 -20.43
N ASN C 190 -8.39 -35.35 -21.70
CA ASN C 190 -8.61 -36.59 -22.44
C ASN C 190 -7.30 -37.25 -22.88
N ASP C 208 -0.94 -37.26 -32.99
CA ASP C 208 -1.58 -36.09 -33.61
C ASP C 208 -0.87 -34.79 -33.19
N ALA C 209 -0.59 -33.91 -34.15
CA ALA C 209 0.06 -32.62 -33.92
C ALA C 209 -0.70 -31.72 -32.91
N LYS C 210 -2.02 -31.92 -32.73
CA LYS C 210 -2.81 -31.22 -31.70
C LYS C 210 -2.33 -31.54 -30.29
N HIS C 211 -1.97 -32.80 -30.01
CA HIS C 211 -1.47 -33.23 -28.71
C HIS C 211 -0.03 -32.78 -28.43
N LEU C 212 0.66 -32.18 -29.41
CA LEU C 212 1.99 -31.59 -29.23
C LEU C 212 1.94 -30.16 -28.67
N ILE C 213 0.78 -29.50 -28.70
CA ILE C 213 0.56 -28.18 -28.12
C ILE C 213 0.43 -28.32 -26.59
N GLU C 214 1.46 -27.87 -25.87
CA GLU C 214 1.56 -27.94 -24.41
C GLU C 214 0.74 -26.83 -23.74
N ASP C 215 1.06 -25.57 -24.03
CA ASP C 215 0.37 -24.39 -23.51
C ASP C 215 0.59 -23.17 -24.43
N ILE C 216 -0.16 -22.10 -24.20
CA ILE C 216 0.09 -20.76 -24.74
C ILE C 216 0.79 -19.90 -23.68
N ARG C 217 1.80 -19.12 -24.06
CA ARG C 217 2.63 -18.30 -23.14
C ARG C 217 2.57 -16.84 -23.55
N GLU C 218 2.68 -15.93 -22.57
CA GLU C 218 2.68 -14.47 -22.75
C GLU C 218 1.42 -13.87 -23.42
N TYR C 219 0.32 -14.61 -23.44
CA TYR C 219 -0.92 -14.25 -24.14
C TYR C 219 -1.78 -13.16 -23.47
N ASP C 220 -1.41 -12.74 -22.26
CA ASP C 220 -2.17 -11.88 -21.35
C ASP C 220 -1.43 -10.60 -20.93
N VAL C 221 -0.35 -10.24 -21.62
CA VAL C 221 0.34 -8.95 -21.44
C VAL C 221 -0.50 -7.83 -22.08
N PRO C 222 -0.83 -6.73 -21.37
CA PRO C 222 -1.53 -5.59 -21.96
C PRO C 222 -0.74 -4.99 -23.14
N TYR C 223 -1.43 -4.55 -24.18
CA TYR C 223 -0.77 -4.19 -25.44
C TYR C 223 0.13 -2.94 -25.33
N HIS C 224 -0.29 -1.89 -24.64
CA HIS C 224 0.54 -0.71 -24.38
C HIS C 224 1.75 -1.03 -23.49
N VAL C 225 1.57 -1.89 -22.48
CA VAL C 225 2.67 -2.43 -21.66
C VAL C 225 3.65 -3.21 -22.54
N ARG C 226 3.17 -4.03 -23.48
CA ARG C 226 4.03 -4.74 -24.44
C ARG C 226 4.88 -3.77 -25.25
N VAL C 227 4.28 -2.75 -25.86
CA VAL C 227 5.02 -1.75 -26.65
C VAL C 227 6.01 -0.98 -25.78
N SER C 228 5.61 -0.57 -24.57
CA SER C 228 6.48 0.14 -23.62
C SER C 228 7.70 -0.71 -23.20
N ILE C 229 7.52 -2.01 -22.92
CA ILE C 229 8.63 -2.92 -22.60
C ILE C 229 9.51 -3.17 -23.83
N ASP C 230 8.92 -3.60 -24.95
CA ASP C 230 9.65 -4.03 -26.16
C ASP C 230 10.39 -2.88 -26.88
N LYS C 231 9.99 -1.62 -26.64
CA LYS C 231 10.64 -0.41 -27.17
C LYS C 231 11.40 0.40 -26.11
N ASP C 232 11.38 -0.05 -24.86
CA ASP C 232 11.91 0.62 -23.67
C ASP C 232 11.49 2.10 -23.47
N ILE C 233 10.25 2.43 -23.85
CA ILE C 233 9.68 3.78 -23.71
C ILE C 233 9.00 3.93 -22.34
N ARG C 234 9.23 5.04 -21.64
CA ARG C 234 8.68 5.17 -20.26
C ARG C 234 8.19 6.59 -20.01
N VAL C 235 6.97 6.74 -19.48
CA VAL C 235 6.48 8.09 -19.10
C VAL C 235 7.42 8.62 -18.01
N GLY C 236 7.61 9.94 -17.91
CA GLY C 236 8.58 10.46 -16.93
C GLY C 236 9.99 10.42 -17.48
N LYS C 237 10.19 9.72 -18.61
CA LYS C 237 11.53 9.69 -19.26
C LYS C 237 11.49 10.57 -20.52
N TRP C 238 12.65 11.07 -20.95
CA TRP C 238 12.68 11.86 -22.21
C TRP C 238 13.08 10.96 -23.37
N TYR C 239 12.45 11.12 -24.52
CA TYR C 239 12.73 10.39 -25.76
C TYR C 239 12.80 11.31 -26.97
N LYS C 240 13.64 10.95 -27.95
CA LYS C 240 13.56 11.46 -29.31
C LYS C 240 12.75 10.48 -30.17
N VAL C 241 11.67 10.95 -30.76
CA VAL C 241 10.78 10.17 -31.63
C VAL C 241 11.33 10.20 -33.06
N THR C 242 11.71 9.03 -33.58
CA THR C 242 12.37 8.83 -34.89
C THR C 242 11.69 7.72 -35.69
N GLN C 243 11.96 7.59 -36.99
CA GLN C 243 11.38 6.52 -37.82
C GLN C 243 11.68 5.11 -37.28
N GLN C 244 12.87 4.89 -36.72
CA GLN C 244 13.30 3.62 -36.17
C GLN C 244 12.64 3.26 -34.82
N GLY C 245 12.05 4.26 -34.14
CA GLY C 245 11.47 4.13 -32.80
C GLY C 245 11.85 5.29 -31.89
N PHE C 246 11.72 5.07 -30.58
CA PHE C 246 12.00 6.09 -29.57
C PHE C 246 13.39 5.86 -28.97
N ILE C 247 14.20 6.91 -28.89
CA ILE C 247 15.57 6.87 -28.34
C ILE C 247 15.57 7.64 -27.02
N GLU C 248 15.93 6.99 -25.91
CA GLU C 248 15.87 7.67 -24.59
C GLU C 248 16.94 8.78 -24.53
N ASP C 249 16.65 9.88 -23.83
CA ASP C 249 17.62 10.99 -23.68
C ASP C 249 18.01 11.11 -22.20
N THR C 250 19.27 11.44 -21.91
CA THR C 250 19.74 11.50 -20.50
C THR C 250 20.18 12.93 -20.15
N ARG C 251 20.55 13.73 -21.14
CA ARG C 251 21.02 15.12 -20.89
C ARG C 251 19.93 15.90 -20.17
N LYS C 252 18.77 15.27 -19.93
CA LYS C 252 17.64 15.95 -19.27
C LYS C 252 16.98 15.03 -18.23
N ILE C 253 17.33 15.24 -16.95
CA ILE C 253 16.79 14.47 -15.82
C ILE C 253 15.56 15.16 -15.18
N ALA C 254 15.53 16.49 -15.17
CA ALA C 254 14.38 17.24 -14.65
C ALA C 254 13.15 17.02 -15.54
N PHE C 255 11.98 16.95 -14.92
CA PHE C 255 10.70 16.90 -15.63
C PHE C 255 10.43 18.26 -16.30
N ALA C 256 9.64 18.25 -17.38
CA ALA C 256 8.98 19.48 -17.82
C ALA C 256 7.90 19.88 -16.81
N ASP C 257 7.46 21.14 -16.86
CA ASP C 257 6.32 21.63 -16.08
C ASP C 257 5.04 21.49 -16.94
N PRO C 258 4.21 20.45 -16.75
CA PRO C 258 2.89 20.39 -17.38
C PRO C 258 1.97 21.45 -16.80
N VAL C 259 1.01 21.94 -17.59
CA VAL C 259 -0.14 22.70 -17.06
C VAL C 259 -0.96 21.78 -16.17
N VAL C 260 -1.04 22.13 -14.88
CA VAL C 260 -1.76 21.40 -13.83
C VAL C 260 -2.97 22.20 -13.37
N MET C 261 -4.15 21.65 -13.63
CA MET C 261 -5.38 22.09 -13.01
C MET C 261 -5.71 21.19 -11.81
N ALA C 262 -6.21 21.75 -10.72
CA ALA C 262 -6.83 20.98 -9.63
C ALA C 262 -8.18 21.60 -9.28
N PHE C 263 -9.24 20.80 -9.17
CA PHE C 263 -10.59 21.30 -8.88
C PHE C 263 -11.31 20.50 -7.79
N ASP C 264 -12.32 21.14 -7.21
CA ASP C 264 -13.30 20.58 -6.27
C ASP C 264 -14.71 21.16 -6.59
N ILE C 265 -15.78 20.52 -6.15
CA ILE C 265 -17.17 20.97 -6.41
C ILE C 265 -18.03 21.01 -5.15
N GLU C 266 -18.85 22.06 -5.06
CA GLU C 266 -19.85 22.19 -4.00
C GLU C 266 -21.24 21.96 -4.58
N THR C 267 -22.01 21.07 -3.97
CA THR C 267 -23.35 20.68 -4.45
C THR C 267 -24.42 21.01 -3.42
N THR C 268 -25.65 21.30 -3.87
CA THR C 268 -26.80 21.28 -2.96
C THR C 268 -26.97 19.89 -2.37
N LYS C 269 -27.59 19.79 -1.21
CA LYS C 269 -28.07 18.50 -0.68
C LYS C 269 -29.32 18.67 0.18
N PRO C 270 -30.15 17.63 0.32
CA PRO C 270 -31.20 17.61 1.32
C PRO C 270 -30.62 17.48 2.74
N PRO C 271 -31.31 18.00 3.78
CA PRO C 271 -30.92 17.78 5.17
C PRO C 271 -30.76 16.29 5.49
N LEU C 272 -29.68 15.95 6.20
CA LEU C 272 -29.30 14.62 6.67
C LEU C 272 -29.08 13.55 5.58
N LYS C 273 -29.14 13.96 4.31
CA LYS C 273 -28.97 13.01 3.17
C LYS C 273 -27.72 13.37 2.37
N PHE C 274 -27.46 12.66 1.28
CA PHE C 274 -26.28 12.93 0.42
C PHE C 274 -26.74 13.52 -0.91
N PRO C 275 -25.99 14.47 -1.51
CA PRO C 275 -26.40 15.11 -2.77
C PRO C 275 -26.71 14.08 -3.85
N ASP C 276 -27.86 14.23 -4.53
CA ASP C 276 -28.24 13.30 -5.63
C ASP C 276 -28.15 14.04 -6.96
N SER C 277 -27.17 13.69 -7.80
CA SER C 277 -27.03 14.32 -9.12
C SER C 277 -28.29 14.33 -10.00
N ALA C 278 -29.31 13.51 -9.70
CA ALA C 278 -30.59 13.56 -10.40
C ALA C 278 -31.46 14.77 -10.03
N VAL C 279 -31.30 15.34 -8.83
CA VAL C 279 -32.13 16.43 -8.29
C VAL C 279 -31.33 17.62 -7.75
N ASP C 280 -30.18 17.37 -7.13
CA ASP C 280 -29.29 18.40 -6.60
C ASP C 280 -28.49 19.07 -7.72
N GLN C 281 -28.21 20.36 -7.54
CA GLN C 281 -27.41 21.18 -8.47
C GLN C 281 -25.98 21.39 -7.95
N ILE C 282 -25.05 21.69 -8.87
CA ILE C 282 -23.74 22.27 -8.53
C ILE C 282 -23.94 23.75 -8.16
N MET C 283 -23.45 24.14 -6.99
CA MET C 283 -23.48 25.51 -6.47
C MET C 283 -22.25 26.29 -6.92
N MET C 284 -21.08 25.65 -6.86
CA MET C 284 -19.79 26.26 -7.18
C MET C 284 -18.78 25.20 -7.66
N ILE C 285 -17.81 25.63 -8.46
CA ILE C 285 -16.61 24.84 -8.80
C ILE C 285 -15.40 25.71 -8.50
N SER C 286 -14.60 25.30 -7.51
CA SER C 286 -13.33 25.94 -7.19
C SER C 286 -12.18 25.20 -7.88
N TYR C 287 -11.19 25.93 -8.38
CA TYR C 287 -10.02 25.32 -9.01
C TYR C 287 -8.79 26.19 -8.93
N MET C 288 -7.63 25.57 -9.09
CA MET C 288 -6.36 26.25 -9.31
C MET C 288 -5.71 25.75 -10.59
N ILE C 289 -5.05 26.66 -11.33
CA ILE C 289 -4.26 26.37 -12.52
C ILE C 289 -2.88 26.99 -12.29
N ASP C 290 -1.85 26.15 -12.19
CA ASP C 290 -0.45 26.51 -12.01
C ASP C 290 -0.10 27.50 -10.85
N GLY C 291 -1.04 27.76 -9.94
CA GLY C 291 -0.89 28.65 -8.78
C GLY C 291 -1.86 29.85 -8.76
N GLU C 292 -2.50 30.14 -9.89
CA GLU C 292 -3.66 31.04 -9.97
C GLU C 292 -4.91 30.28 -9.51
N GLY C 293 -5.78 30.94 -8.75
CA GLY C 293 -7.06 30.40 -8.27
C GLY C 293 -8.24 30.94 -9.05
N PHE C 294 -9.28 30.12 -9.18
CA PHE C 294 -10.55 30.48 -9.81
C PHE C 294 -11.73 29.87 -9.07
N LEU C 295 -12.87 30.55 -9.11
CA LEU C 295 -14.14 30.04 -8.60
C LEU C 295 -15.25 30.37 -9.61
N ILE C 296 -16.00 29.36 -10.05
CA ILE C 296 -17.26 29.59 -10.78
C ILE C 296 -18.41 29.40 -9.79
N THR C 297 -19.37 30.33 -9.77
CA THR C 297 -20.56 30.27 -8.90
C THR C 297 -21.84 30.21 -9.74
N ASN C 298 -22.82 29.40 -9.31
CA ASN C 298 -24.16 29.33 -9.89
C ASN C 298 -25.10 30.27 -9.14
N ARG C 299 -25.53 31.35 -9.80
CA ARG C 299 -26.35 32.42 -9.20
C ARG C 299 -27.84 32.08 -9.06
N GLU C 300 -28.31 30.91 -9.52
CA GLU C 300 -29.61 30.37 -9.06
C GLU C 300 -29.58 29.96 -7.58
N ILE C 301 -28.39 29.58 -7.06
CA ILE C 301 -28.22 29.00 -5.73
C ILE C 301 -27.46 29.95 -4.78
N ILE C 302 -26.33 30.48 -5.24
CA ILE C 302 -25.52 31.46 -4.52
C ILE C 302 -26.22 32.82 -4.57
N SER C 303 -26.52 33.43 -3.42
CA SER C 303 -27.43 34.60 -3.36
C SER C 303 -26.80 35.95 -3.71
N GLU C 304 -25.50 36.15 -3.52
CA GLU C 304 -24.76 37.37 -3.84
C GLU C 304 -23.65 37.14 -4.88
N ASP C 305 -23.20 38.20 -5.56
CA ASP C 305 -22.02 38.13 -6.43
C ASP C 305 -20.78 38.09 -5.53
N ILE C 306 -19.94 37.06 -5.67
CA ILE C 306 -18.70 36.93 -4.91
C ILE C 306 -17.58 37.72 -5.62
N GLU C 307 -16.88 38.58 -4.90
CA GLU C 307 -15.74 39.37 -5.41
C GLU C 307 -14.41 38.61 -5.28
N ASP C 308 -13.42 38.99 -6.11
CA ASP C 308 -12.06 38.41 -6.10
C ASP C 308 -11.39 38.54 -4.72
N PHE C 309 -10.84 37.44 -4.21
CA PHE C 309 -10.23 37.39 -2.86
C PHE C 309 -9.00 36.48 -2.78
N GLU C 310 -8.22 36.64 -1.70
CA GLU C 310 -7.01 35.85 -1.44
C GLU C 310 -7.25 34.84 -0.30
N TYR C 311 -6.98 33.56 -0.57
CA TYR C 311 -6.87 32.51 0.44
C TYR C 311 -5.44 31.91 0.44
N THR C 312 -4.55 32.53 1.22
CA THR C 312 -3.15 32.11 1.38
C THR C 312 -2.93 31.53 2.79
N PRO C 313 -3.17 30.22 3.03
CA PRO C 313 -3.07 29.62 4.37
C PRO C 313 -1.64 29.56 4.93
N LYS C 314 -0.63 29.65 4.06
CA LYS C 314 0.76 29.92 4.40
C LYS C 314 1.44 30.71 3.29
N PRO C 315 2.52 31.48 3.56
CA PRO C 315 3.29 32.19 2.52
C PRO C 315 3.89 31.30 1.43
N GLU C 316 3.96 29.98 1.64
CA GLU C 316 4.44 28.98 0.70
C GLU C 316 3.33 28.33 -0.16
N TYR C 317 2.07 28.73 0.08
CA TYR C 317 0.84 28.28 -0.58
C TYR C 317 -0.06 29.50 -0.96
N PRO C 318 0.36 30.39 -1.88
CA PRO C 318 -0.47 31.48 -2.35
C PRO C 318 -1.75 30.99 -3.03
N GLY C 319 -2.85 31.75 -2.91
CA GLY C 319 -4.10 31.45 -3.58
C GLY C 319 -4.90 32.72 -3.86
N PHE C 320 -4.67 33.36 -4.99
CA PHE C 320 -5.46 34.50 -5.47
C PHE C 320 -6.60 33.97 -6.33
N PHE C 321 -7.85 34.22 -5.95
CA PHE C 321 -9.03 33.67 -6.61
C PHE C 321 -9.77 34.72 -7.44
N THR C 322 -9.80 34.50 -8.75
CA THR C 322 -10.64 35.26 -9.70
C THR C 322 -12.00 34.59 -9.83
N ILE C 323 -13.10 35.36 -9.73
CA ILE C 323 -14.45 34.81 -9.63
C ILE C 323 -15.27 34.99 -10.91
N PHE C 324 -15.92 33.91 -11.35
CA PHE C 324 -16.88 33.89 -12.45
C PHE C 324 -18.29 33.65 -11.89
N ASN C 325 -19.04 34.73 -11.70
CA ASN C 325 -20.43 34.67 -11.26
C ASN C 325 -21.34 34.37 -12.47
N GLU C 326 -21.69 33.10 -12.67
CA GLU C 326 -22.49 32.62 -13.81
C GLU C 326 -23.98 32.52 -13.45
N ASN C 327 -24.86 32.80 -14.41
CA ASN C 327 -26.29 33.00 -14.15
C ASN C 327 -27.01 31.73 -13.63
N ASP C 328 -26.61 30.56 -14.11
CA ASP C 328 -27.26 29.26 -13.84
C ASP C 328 -26.25 28.09 -13.88
N GLU C 329 -26.73 26.88 -13.57
CA GLU C 329 -25.89 25.67 -13.56
C GLU C 329 -25.31 25.32 -14.94
N VAL C 330 -26.01 25.62 -16.05
CA VAL C 330 -25.53 25.25 -17.39
C VAL C 330 -24.45 26.22 -17.87
N ALA C 331 -24.56 27.51 -17.57
CA ALA C 331 -23.50 28.49 -17.77
C ALA C 331 -22.26 28.17 -16.93
N LEU C 332 -22.43 27.74 -15.67
CA LEU C 332 -21.33 27.26 -14.82
C LEU C 332 -20.59 26.07 -15.46
N LEU C 333 -21.33 25.07 -15.97
CA LEU C 333 -20.73 23.91 -16.65
C LEU C 333 -20.02 24.29 -17.95
N GLN C 334 -20.64 25.15 -18.77
CA GLN C 334 -20.05 25.62 -20.02
C GLN C 334 -18.78 26.45 -19.77
N ARG C 335 -18.77 27.34 -18.79
CA ARG C 335 -17.57 28.10 -18.38
C ARG C 335 -16.44 27.17 -17.94
N PHE C 336 -16.76 26.14 -17.16
CA PHE C 336 -15.77 25.16 -16.71
C PHE C 336 -15.14 24.39 -17.87
N PHE C 337 -15.96 23.94 -18.84
CA PHE C 337 -15.46 23.24 -20.03
C PHE C 337 -14.71 24.14 -21.00
N GLU C 338 -15.15 25.39 -21.18
CA GLU C 338 -14.45 26.42 -21.96
C GLU C 338 -13.06 26.68 -21.38
N HIS C 339 -12.96 26.94 -20.07
CA HIS C 339 -11.69 27.26 -19.44
C HIS C 339 -10.70 26.08 -19.47
N ILE C 340 -11.18 24.83 -19.37
CA ILE C 340 -10.38 23.62 -19.61
C ILE C 340 -9.82 23.59 -21.05
N ARG C 341 -10.62 23.92 -22.06
CA ARG C 341 -10.17 23.96 -23.47
C ARG C 341 -9.15 25.06 -23.74
N ASP C 342 -9.27 26.18 -23.06
CA ASP C 342 -8.36 27.33 -23.22
C ASP C 342 -6.98 27.05 -22.63
N VAL C 343 -6.90 26.57 -21.38
CA VAL C 343 -5.60 26.33 -20.71
C VAL C 343 -4.95 24.99 -21.04
N ARG C 344 -5.73 24.05 -21.61
CA ARG C 344 -5.26 22.73 -22.08
C ARG C 344 -4.46 21.95 -21.03
N PRO C 345 -5.05 21.70 -19.84
CA PRO C 345 -4.34 21.02 -18.76
C PRO C 345 -3.97 19.61 -19.20
N THR C 346 -2.72 19.20 -18.98
CA THR C 346 -2.30 17.81 -19.23
C THR C 346 -2.37 16.95 -17.97
N VAL C 347 -2.60 17.61 -16.83
CA VAL C 347 -3.03 17.00 -15.58
C VAL C 347 -4.24 17.74 -15.04
N ILE C 348 -5.29 16.98 -14.71
CA ILE C 348 -6.36 17.44 -13.82
C ILE C 348 -6.29 16.62 -12.53
N SER C 349 -6.18 17.29 -11.38
CA SER C 349 -6.19 16.67 -10.05
C SER C 349 -7.51 16.99 -9.31
N THR C 350 -7.92 16.07 -8.45
CA THR C 350 -9.12 16.18 -7.60
C THR C 350 -8.86 15.43 -6.29
N PHE C 351 -9.70 15.61 -5.28
CA PHE C 351 -9.71 14.74 -4.10
C PHE C 351 -10.97 13.86 -4.06
N ASN C 352 -10.85 12.57 -4.40
CA ASN C 352 -11.96 11.61 -4.54
C ASN C 352 -12.88 11.81 -5.78
N GLY C 353 -12.49 12.66 -6.73
CA GLY C 353 -13.25 12.96 -7.95
C GLY C 353 -13.56 11.79 -8.88
N ASP C 354 -12.87 10.65 -8.78
CA ASP C 354 -13.27 9.39 -9.45
C ASP C 354 -14.70 8.95 -9.04
N PHE C 355 -15.15 9.27 -7.82
CA PHE C 355 -16.36 8.72 -7.18
C PHE C 355 -17.39 9.75 -6.73
N PHE C 356 -17.11 11.05 -6.83
CA PHE C 356 -18.04 12.12 -6.51
C PHE C 356 -18.09 13.16 -7.62
N ASP C 357 -17.03 13.95 -7.75
CA ASP C 357 -16.95 15.17 -8.56
C ASP C 357 -17.27 14.93 -10.05
N TRP C 358 -16.48 14.08 -10.72
CA TRP C 358 -16.71 13.76 -12.14
C TRP C 358 -18.04 13.05 -12.40
N PRO C 359 -18.47 12.02 -11.60
CA PRO C 359 -19.82 11.47 -11.70
C PRO C 359 -20.92 12.52 -11.61
N PHE C 360 -20.78 13.51 -10.73
CA PHE C 360 -21.77 14.57 -10.55
C PHE C 360 -21.80 15.48 -11.76
N ILE C 361 -20.66 16.07 -12.16
CA ILE C 361 -20.52 16.92 -13.36
C ILE C 361 -21.09 16.22 -14.60
N HIS C 362 -20.73 14.95 -14.83
CA HIS C 362 -21.18 14.18 -15.99
C HIS C 362 -22.71 13.94 -15.99
N ASN C 363 -23.31 13.65 -14.84
CA ASN C 363 -24.75 13.47 -14.73
C ASN C 363 -25.52 14.79 -14.90
N ARG C 364 -25.03 15.91 -14.31
CA ARG C 364 -25.61 17.25 -14.50
C ARG C 364 -25.49 17.70 -15.96
N SER C 365 -24.34 17.49 -16.59
CA SER C 365 -24.11 17.74 -18.02
C SER C 365 -25.13 16.98 -18.89
N LYS C 366 -25.35 15.69 -18.60
CA LYS C 366 -26.36 14.87 -19.30
C LYS C 366 -27.79 15.36 -19.11
N ILE C 367 -28.15 15.89 -17.94
CA ILE C 367 -29.47 16.47 -17.68
C ILE C 367 -29.67 17.74 -18.53
N HIS C 368 -28.62 18.55 -18.69
CA HIS C 368 -28.62 19.75 -19.54
C HIS C 368 -28.33 19.49 -21.03
N GLY C 369 -28.15 18.22 -21.43
CA GLY C 369 -27.90 17.83 -22.83
C GLY C 369 -26.48 18.07 -23.35
N LEU C 370 -25.52 18.36 -22.48
CA LEU C 370 -24.09 18.47 -22.80
C LEU C 370 -23.43 17.09 -22.78
N ASP C 371 -22.60 16.77 -23.78
CA ASP C 371 -21.75 15.57 -23.78
C ASP C 371 -20.32 15.94 -23.35
N MET C 372 -20.00 15.62 -22.10
CA MET C 372 -18.70 15.92 -21.47
C MET C 372 -17.51 15.30 -22.23
N PHE C 373 -17.71 14.20 -22.98
CA PHE C 373 -16.64 13.61 -23.78
C PHE C 373 -16.34 14.45 -25.02
N ASP C 374 -17.36 14.96 -25.71
CA ASP C 374 -17.17 15.82 -26.89
C ASP C 374 -16.74 17.25 -26.46
N GLU C 375 -17.10 17.72 -25.25
CA GLU C 375 -16.68 19.02 -24.70
C GLU C 375 -15.20 19.05 -24.27
N ILE C 376 -14.72 18.07 -23.49
CA ILE C 376 -13.37 18.11 -22.85
C ILE C 376 -12.59 16.80 -22.92
N GLY C 377 -13.10 15.76 -23.61
CA GLY C 377 -12.43 14.47 -23.77
C GLY C 377 -12.54 13.49 -22.60
N PHE C 378 -13.30 13.82 -21.54
CA PHE C 378 -13.41 12.98 -20.34
C PHE C 378 -14.59 12.01 -20.39
N ALA C 379 -14.33 10.73 -20.10
CA ALA C 379 -15.36 9.70 -20.00
C ALA C 379 -15.05 8.68 -18.88
N PRO C 380 -16.08 8.00 -18.34
CA PRO C 380 -15.87 6.88 -17.42
C PRO C 380 -15.34 5.65 -18.16
N ASP C 381 -14.33 5.00 -17.61
CA ASP C 381 -13.79 3.74 -18.10
C ASP C 381 -14.57 2.50 -17.62
N ALA C 382 -14.03 1.30 -17.85
CA ALA C 382 -14.65 0.04 -17.46
C ALA C 382 -14.72 -0.18 -15.94
N GLU C 383 -13.89 0.53 -15.17
CA GLU C 383 -13.88 0.55 -13.70
C GLU C 383 -14.79 1.65 -13.12
N GLY C 384 -15.31 2.56 -13.97
CA GLY C 384 -16.10 3.72 -13.61
C GLY C 384 -15.27 4.93 -13.17
N GLU C 385 -13.97 4.91 -13.45
CA GLU C 385 -13.02 6.00 -13.16
C GLU C 385 -12.96 6.94 -14.36
N TYR C 386 -12.75 8.24 -14.13
CA TYR C 386 -12.81 9.23 -15.22
C TYR C 386 -11.42 9.47 -15.83
N LYS C 387 -11.34 9.37 -17.15
CA LYS C 387 -10.08 9.40 -17.91
C LYS C 387 -10.27 10.20 -19.19
N SER C 388 -9.17 10.76 -19.70
CA SER C 388 -9.08 11.31 -21.06
C SER C 388 -7.82 10.76 -21.76
N SER C 389 -7.67 11.09 -23.04
CA SER C 389 -6.48 10.78 -23.85
C SER C 389 -5.31 11.71 -23.52
N TYR C 390 -5.45 13.01 -23.80
CA TYR C 390 -4.41 14.03 -23.63
C TYR C 390 -4.07 14.32 -22.16
N CYS C 391 -5.06 14.30 -21.26
CA CYS C 391 -4.93 14.71 -19.86
C CYS C 391 -5.07 13.54 -18.88
N SER C 392 -4.09 13.39 -17.99
CA SER C 392 -4.11 12.39 -16.92
C SER C 392 -4.92 12.88 -15.71
N HIS C 393 -5.79 12.02 -15.16
CA HIS C 393 -6.62 12.34 -14.00
C HIS C 393 -5.98 11.88 -12.70
N MET C 394 -5.38 12.82 -11.97
CA MET C 394 -4.63 12.55 -10.75
C MET C 394 -5.49 12.71 -9.50
N ASP C 395 -6.40 11.77 -9.24
CA ASP C 395 -7.12 11.71 -7.96
C ASP C 395 -6.14 11.49 -6.78
N CYS C 396 -5.88 12.57 -6.03
CA CYS C 396 -5.02 12.59 -4.85
C CYS C 396 -5.44 11.55 -3.80
N PHE C 397 -6.73 11.22 -3.70
CA PHE C 397 -7.22 10.24 -2.75
C PHE C 397 -6.71 8.83 -3.04
N ARG C 398 -6.36 8.49 -4.29
CA ARG C 398 -5.72 7.21 -4.66
C ARG C 398 -4.33 7.09 -4.04
N TRP C 399 -3.51 8.14 -4.18
CA TRP C 399 -2.19 8.25 -3.53
C TRP C 399 -2.31 8.25 -2.01
N VAL C 400 -3.29 8.98 -1.46
CA VAL C 400 -3.58 8.98 -0.01
C VAL C 400 -3.87 7.56 0.51
N LYS C 401 -4.70 6.79 -0.19
CA LYS C 401 -5.05 5.40 0.19
C LYS C 401 -3.88 4.43 0.07
N ARG C 402 -2.99 4.59 -0.92
CA ARG C 402 -1.93 3.61 -1.26
C ARG C 402 -0.56 3.95 -0.68
N ASP C 403 -0.13 5.20 -0.81
CA ASP C 403 1.29 5.59 -0.74
C ASP C 403 1.61 6.56 0.41
N SER C 404 0.62 7.36 0.87
CA SER C 404 0.85 8.41 1.88
C SER C 404 1.33 7.91 3.26
N TYR C 405 1.21 6.59 3.50
CA TYR C 405 1.39 5.91 4.79
C TYR C 405 0.47 6.39 5.93
N LEU C 406 -0.57 7.19 5.60
CA LEU C 406 -1.55 7.65 6.57
C LEU C 406 -2.54 6.52 6.92
N PRO C 407 -2.86 6.32 8.21
CA PRO C 407 -3.89 5.38 8.62
C PRO C 407 -5.25 5.87 8.11
N GLN C 408 -6.18 4.94 7.86
CA GLN C 408 -7.49 5.26 7.25
C GLN C 408 -8.30 6.34 7.99
N GLY C 409 -8.01 6.62 9.26
CA GLY C 409 -8.67 7.69 10.03
C GLY C 409 -8.18 9.10 9.70
N SER C 410 -7.05 9.21 9.00
CA SER C 410 -6.38 10.46 8.60
C SER C 410 -6.32 10.61 7.08
N GLN C 411 -7.21 9.93 6.35
CA GLN C 411 -7.26 9.92 4.87
C GLN C 411 -8.34 10.84 4.28
N GLY C 412 -9.07 11.60 5.10
CA GLY C 412 -9.95 12.69 4.60
C GLY C 412 -9.15 13.98 4.40
N LEU C 413 -9.57 14.84 3.47
CA LEU C 413 -8.81 16.00 2.99
C LEU C 413 -8.22 16.84 4.13
N LYS C 414 -9.04 17.33 5.07
CA LYS C 414 -8.56 18.04 6.28
C LYS C 414 -7.41 17.35 7.00
N ALA C 415 -7.53 16.06 7.30
CA ALA C 415 -6.49 15.33 8.05
C ALA C 415 -5.22 15.08 7.22
N VAL C 416 -5.36 14.98 5.90
CA VAL C 416 -4.23 14.92 4.96
C VAL C 416 -3.53 16.29 4.92
N THR C 417 -4.28 17.39 4.77
CA THR C 417 -3.78 18.77 4.80
C THR C 417 -3.03 19.07 6.09
N GLN C 418 -3.61 18.77 7.25
CA GLN C 418 -2.96 18.86 8.56
C GLN C 418 -1.66 18.04 8.63
N SER C 419 -1.67 16.80 8.12
CA SER C 419 -0.54 15.89 8.27
C SER C 419 0.56 16.06 7.21
N LYS C 420 0.27 16.69 6.06
CA LYS C 420 1.19 16.81 4.92
C LYS C 420 1.56 18.27 4.64
N LEU C 421 0.57 19.16 4.53
CA LEU C 421 0.79 20.60 4.27
C LEU C 421 1.00 21.39 5.58
N GLY C 422 0.60 20.83 6.72
CA GLY C 422 0.91 21.38 8.05
C GLY C 422 0.17 22.67 8.35
N TYR C 423 -1.08 22.80 7.90
CA TYR C 423 -2.03 23.84 8.29
C TYR C 423 -3.44 23.22 8.46
N ASN C 424 -4.35 23.97 9.10
CA ASN C 424 -5.77 23.62 9.14
C ASN C 424 -6.49 24.29 7.97
N PRO C 425 -7.08 23.55 7.02
CA PRO C 425 -8.00 24.15 6.04
C PRO C 425 -9.27 24.65 6.76
N ILE C 426 -10.05 25.48 6.06
CA ILE C 426 -11.39 25.86 6.53
C ILE C 426 -12.25 24.60 6.62
N GLU C 427 -13.15 24.54 7.59
CA GLU C 427 -14.05 23.40 7.80
C GLU C 427 -15.47 23.92 7.96
N LEU C 428 -16.39 23.40 7.17
CA LEU C 428 -17.81 23.71 7.20
C LEU C 428 -18.60 22.43 7.46
N ASP C 429 -19.70 22.50 8.21
CA ASP C 429 -20.59 21.33 8.35
C ASP C 429 -21.33 21.12 7.02
N PRO C 430 -21.33 19.90 6.44
CA PRO C 430 -22.11 19.61 5.24
C PRO C 430 -23.60 19.97 5.32
N GLU C 431 -24.21 19.96 6.49
CA GLU C 431 -25.61 20.40 6.68
C GLU C 431 -25.79 21.93 6.58
N LEU C 432 -24.72 22.72 6.74
CA LEU C 432 -24.73 24.18 6.62
C LEU C 432 -24.42 24.67 5.20
N MET C 433 -23.86 23.84 4.32
CA MET C 433 -23.48 24.23 2.94
C MET C 433 -24.68 24.79 2.14
N THR C 434 -25.77 24.05 2.03
CA THR C 434 -26.95 24.49 1.26
C THR C 434 -27.65 25.72 1.87
N PRO C 435 -27.83 25.83 3.20
CA PRO C 435 -28.25 27.09 3.83
C PRO C 435 -27.30 28.27 3.57
N TYR C 436 -25.98 28.05 3.66
CA TYR C 436 -25.00 29.13 3.54
C TYR C 436 -24.89 29.67 2.12
N ALA C 437 -25.26 28.92 1.10
CA ALA C 437 -25.42 29.44 -0.27
C ALA C 437 -26.38 30.64 -0.33
N PHE C 438 -27.39 30.70 0.56
CA PHE C 438 -28.30 31.83 0.66
C PHE C 438 -27.94 32.80 1.80
N GLU C 439 -27.54 32.29 2.97
CA GLU C 439 -27.34 33.09 4.19
C GLU C 439 -25.96 33.72 4.33
N LYS C 440 -24.90 33.05 3.84
CA LYS C 440 -23.49 33.45 4.02
C LYS C 440 -22.61 32.95 2.85
N PRO C 441 -22.93 33.26 1.59
CA PRO C 441 -22.24 32.65 0.46
C PRO C 441 -20.74 33.01 0.42
N GLN C 442 -20.30 34.19 0.87
CA GLN C 442 -18.86 34.49 1.03
C GLN C 442 -18.10 33.44 1.88
N HIS C 443 -18.69 32.97 2.97
CA HIS C 443 -18.06 31.96 3.85
C HIS C 443 -18.10 30.55 3.23
N LEU C 444 -19.09 30.28 2.36
CA LEU C 444 -19.15 29.05 1.58
C LEU C 444 -18.08 29.06 0.47
N SER C 445 -17.89 30.18 -0.23
CA SER C 445 -16.83 30.34 -1.24
C SER C 445 -15.44 30.26 -0.61
N GLU C 446 -15.20 30.84 0.56
CA GLU C 446 -13.93 30.67 1.31
C GLU C 446 -13.63 29.19 1.63
N TYR C 447 -14.64 28.41 2.02
CA TYR C 447 -14.51 26.97 2.24
C TYR C 447 -14.15 26.22 0.94
N SER C 448 -14.87 26.50 -0.14
CA SER C 448 -14.66 25.82 -1.43
C SER C 448 -13.28 26.09 -2.03
N VAL C 449 -12.79 27.33 -1.99
CA VAL C 449 -11.44 27.63 -2.46
C VAL C 449 -10.37 27.01 -1.56
N SER C 450 -10.65 26.86 -0.26
CA SER C 450 -9.74 26.17 0.68
C SER C 450 -9.48 24.71 0.28
N ASP C 451 -10.49 23.99 -0.20
CA ASP C 451 -10.35 22.59 -0.63
C ASP C 451 -9.66 22.46 -2.00
N ALA C 452 -9.85 23.42 -2.92
CA ALA C 452 -9.04 23.54 -4.14
C ALA C 452 -7.56 23.81 -3.83
N VAL C 453 -7.25 24.79 -2.96
CA VAL C 453 -5.87 25.09 -2.50
C VAL C 453 -5.23 23.87 -1.84
N ALA C 454 -5.95 23.19 -0.95
CA ALA C 454 -5.47 21.98 -0.29
C ALA C 454 -5.16 20.86 -1.30
N THR C 455 -6.03 20.67 -2.29
CA THR C 455 -5.87 19.63 -3.34
C THR C 455 -4.71 19.95 -4.28
N TYR C 456 -4.61 21.20 -4.77
CA TYR C 456 -3.52 21.65 -5.65
C TYR C 456 -2.14 21.48 -4.99
N TYR C 457 -1.96 21.99 -3.77
CA TYR C 457 -0.67 21.88 -3.09
C TYR C 457 -0.36 20.47 -2.58
N LEU C 458 -1.35 19.65 -2.25
CA LEU C 458 -1.17 18.22 -1.99
C LEU C 458 -0.65 17.51 -3.24
N TYR C 459 -1.25 17.79 -4.41
CA TYR C 459 -0.81 17.25 -5.69
C TYR C 459 0.63 17.65 -5.98
N MET C 460 0.92 18.95 -6.03
CA MET C 460 2.23 19.48 -6.45
C MET C 460 3.38 19.12 -5.50
N LYS C 461 3.14 19.09 -4.18
CA LYS C 461 4.20 18.77 -3.20
C LYS C 461 4.45 17.27 -3.04
N TYR C 462 3.46 16.40 -3.30
CA TYR C 462 3.56 14.97 -2.99
C TYR C 462 3.21 14.04 -4.15
N VAL C 463 2.07 14.21 -4.80
CA VAL C 463 1.57 13.23 -5.78
C VAL C 463 2.31 13.34 -7.11
N HIS C 464 2.47 14.56 -7.64
CA HIS C 464 3.16 14.84 -8.89
C HIS C 464 4.58 14.25 -8.93
N PRO C 465 5.53 14.64 -8.04
CA PRO C 465 6.89 14.14 -8.10
C PRO C 465 6.98 12.63 -7.86
N PHE C 466 6.07 12.07 -7.05
CA PHE C 466 6.05 10.63 -6.74
C PHE C 466 5.60 9.78 -7.94
N ILE C 467 4.51 10.15 -8.62
CA ILE C 467 3.92 9.36 -9.71
C ILE C 467 4.76 9.44 -10.98
N PHE C 468 5.16 10.64 -11.42
CA PHE C 468 6.01 10.78 -12.62
C PHE C 468 7.37 10.12 -12.41
N SER C 469 7.95 10.15 -11.20
CA SER C 469 9.16 9.37 -10.89
C SER C 469 8.96 7.87 -11.03
N LEU C 470 7.82 7.32 -10.59
CA LEU C 470 7.48 5.91 -10.79
C LEU C 470 7.34 5.55 -12.29
N CYS C 471 6.76 6.44 -13.09
CA CYS C 471 6.61 6.23 -14.53
C CYS C 471 7.96 6.09 -15.27
N THR C 472 9.03 6.75 -14.81
CA THR C 472 10.36 6.65 -15.46
C THR C 472 10.95 5.24 -15.46
N ILE C 473 10.43 4.34 -14.61
CA ILE C 473 10.90 2.96 -14.42
C ILE C 473 9.80 1.93 -14.73
N ILE C 474 8.53 2.24 -14.46
CA ILE C 474 7.39 1.34 -14.68
C ILE C 474 6.80 1.57 -16.08
N PRO C 475 6.55 0.52 -16.89
CA PRO C 475 5.97 0.62 -18.23
C PRO C 475 4.44 0.86 -18.20
N LEU C 476 4.00 1.92 -17.51
CA LEU C 476 2.60 2.34 -17.36
C LEU C 476 2.49 3.86 -17.49
N ASN C 477 1.31 4.36 -17.85
CA ASN C 477 1.01 5.79 -17.86
C ASN C 477 0.73 6.32 -16.42
N PRO C 478 0.59 7.65 -16.20
CA PRO C 478 0.39 8.20 -14.86
C PRO C 478 -0.88 7.67 -14.18
N ASP C 479 -2.00 7.56 -14.92
CA ASP C 479 -3.28 7.10 -14.39
C ASP C 479 -3.22 5.67 -13.84
N GLU C 480 -2.61 4.76 -14.58
CA GLU C 480 -2.40 3.39 -14.12
C GLU C 480 -1.36 3.34 -13.00
N THR C 481 -0.30 4.13 -13.09
CA THR C 481 0.76 4.21 -12.07
C THR C 481 0.24 4.72 -10.73
N LEU C 482 -0.76 5.61 -10.72
CA LEU C 482 -1.47 6.08 -9.54
C LEU C 482 -2.46 5.03 -8.99
N ARG C 483 -3.14 4.28 -9.87
CA ARG C 483 -4.31 3.47 -9.47
C ARG C 483 -4.08 1.97 -9.30
N LYS C 484 -3.11 1.35 -10.00
CA LYS C 484 -2.83 -0.09 -9.83
C LYS C 484 -2.25 -0.39 -8.44
N GLY C 485 -2.53 -1.58 -7.90
CA GLY C 485 -1.95 -2.04 -6.64
C GLY C 485 -0.43 -2.26 -6.75
N THR C 486 0.30 -2.05 -5.65
CA THR C 486 1.78 -2.09 -5.61
C THR C 486 2.37 -3.41 -6.11
N GLY C 487 1.72 -4.55 -5.83
CA GLY C 487 2.13 -5.84 -6.39
C GLY C 487 2.01 -5.95 -7.91
N THR C 488 1.12 -5.19 -8.55
CA THR C 488 1.10 -5.08 -10.02
C THR C 488 2.28 -4.23 -10.53
N LEU C 489 2.71 -3.22 -9.78
CA LEU C 489 3.91 -2.44 -10.13
C LEU C 489 5.17 -3.31 -10.08
N CYS C 490 5.29 -4.19 -9.06
CA CYS C 490 6.34 -5.21 -9.00
C CYS C 490 6.28 -6.17 -10.21
N GLU C 491 5.09 -6.62 -10.61
CA GLU C 491 4.91 -7.48 -11.79
C GLU C 491 5.46 -6.82 -13.06
N MET C 492 5.20 -5.53 -13.27
CA MET C 492 5.68 -4.81 -14.45
C MET C 492 7.21 -4.68 -14.45
N LEU C 493 7.82 -4.34 -13.31
CA LEU C 493 9.29 -4.24 -13.17
C LEU C 493 9.98 -5.59 -13.44
N LEU C 494 9.44 -6.67 -12.88
CA LEU C 494 9.95 -8.02 -13.13
C LEU C 494 9.75 -8.46 -14.59
N MET C 495 8.67 -8.04 -15.25
CA MET C 495 8.44 -8.30 -16.67
C MET C 495 9.45 -7.56 -17.57
N VAL C 496 9.82 -6.31 -17.24
CA VAL C 496 10.91 -5.58 -17.92
C VAL C 496 12.22 -6.36 -17.79
N GLN C 497 12.59 -6.75 -16.57
CA GLN C 497 13.87 -7.43 -16.33
C GLN C 497 13.92 -8.82 -16.98
N ALA C 498 12.84 -9.61 -16.89
CA ALA C 498 12.75 -10.89 -17.57
C ALA C 498 12.83 -10.75 -19.10
N TYR C 499 12.16 -9.75 -19.68
CA TYR C 499 12.23 -9.48 -21.11
C TYR C 499 13.66 -9.11 -21.56
N GLN C 500 14.32 -8.20 -20.85
CA GLN C 500 15.70 -7.75 -21.13
C GLN C 500 16.72 -8.91 -21.08
N HIS C 501 16.51 -9.90 -20.20
CA HIS C 501 17.34 -11.10 -20.12
C HIS C 501 16.89 -12.25 -21.06
N ASN C 502 15.95 -11.97 -21.97
CA ASN C 502 15.31 -12.94 -22.88
C ASN C 502 14.63 -14.15 -22.18
N ILE C 503 14.26 -14.01 -20.92
CA ILE C 503 13.51 -15.00 -20.16
C ILE C 503 12.06 -15.05 -20.67
N LEU C 504 11.45 -16.24 -20.66
CA LEU C 504 10.04 -16.47 -20.98
C LEU C 504 9.17 -16.21 -19.75
N LEU C 505 8.18 -15.34 -19.87
CA LEU C 505 7.31 -15.07 -18.71
C LEU C 505 6.46 -16.31 -18.35
N PRO C 506 6.34 -16.67 -17.06
CA PRO C 506 5.35 -17.64 -16.62
C PRO C 506 3.92 -17.13 -16.84
N ASN C 507 2.99 -18.08 -17.01
CA ASN C 507 1.57 -17.79 -16.95
C ASN C 507 1.15 -17.46 -15.50
N LYS C 508 0.06 -16.70 -15.34
CA LYS C 508 -0.42 -16.29 -14.02
C LYS C 508 -0.87 -17.48 -13.16
N HIS C 509 -0.39 -17.54 -11.92
CA HIS C 509 -0.74 -18.57 -10.96
C HIS C 509 -2.25 -18.58 -10.70
N THR C 510 -2.83 -19.78 -10.78
CA THR C 510 -4.23 -20.04 -10.45
C THR C 510 -4.28 -20.92 -9.21
N ASP C 511 -4.80 -20.39 -8.11
CA ASP C 511 -4.96 -21.13 -6.86
C ASP C 511 -5.79 -22.42 -7.11
N PRO C 512 -5.35 -23.61 -6.66
CA PRO C 512 -6.17 -24.81 -6.72
C PRO C 512 -7.49 -24.64 -5.95
N ILE C 513 -8.60 -25.04 -6.57
CA ILE C 513 -9.96 -24.79 -6.04
C ILE C 513 -10.18 -25.49 -4.68
N GLU C 514 -9.60 -26.67 -4.51
CA GLU C 514 -9.47 -27.37 -3.23
C GLU C 514 -8.10 -28.04 -3.12
N ARG C 515 -7.63 -28.22 -1.88
CA ARG C 515 -6.43 -29.01 -1.52
C ARG C 515 -6.75 -29.83 -0.27
N PHE C 516 -6.01 -30.91 -0.09
CA PHE C 516 -6.15 -31.80 1.06
C PHE C 516 -4.82 -31.93 1.82
N TYR C 517 -4.91 -32.12 3.13
CA TYR C 517 -3.81 -32.41 4.05
C TYR C 517 -4.26 -33.53 4.99
N ASP C 518 -3.53 -34.65 5.06
CA ASP C 518 -3.90 -35.86 5.81
C ASP C 518 -5.36 -36.34 5.59
N GLY C 519 -5.86 -36.19 4.36
CA GLY C 519 -7.24 -36.54 3.98
C GLY C 519 -8.30 -35.54 4.45
N HIS C 520 -7.91 -34.42 5.05
CA HIS C 520 -8.77 -33.31 5.43
C HIS C 520 -8.80 -32.22 4.35
N LEU C 521 -9.98 -31.67 4.06
CA LEU C 521 -10.11 -30.52 3.15
C LEU C 521 -9.52 -29.26 3.79
N LEU C 522 -8.55 -28.63 3.11
CA LEU C 522 -8.01 -27.33 3.51
C LEU C 522 -9.03 -26.22 3.24
N GLU C 523 -9.32 -25.43 4.27
CA GLU C 523 -10.04 -24.18 4.12
C GLU C 523 -9.10 -23.10 3.56
N SER C 524 -7.89 -23.04 4.11
CA SER C 524 -6.81 -22.14 3.67
C SER C 524 -5.46 -22.68 4.14
N GLU C 525 -4.41 -22.42 3.37
CA GLU C 525 -3.01 -22.66 3.78
C GLU C 525 -2.18 -21.37 3.66
N THR C 526 -1.14 -21.26 4.47
CA THR C 526 -0.24 -20.10 4.54
C THR C 526 1.06 -20.51 5.26
N TYR C 527 1.85 -19.54 5.71
CA TYR C 527 3.05 -19.74 6.53
C TYR C 527 2.97 -18.92 7.82
N VAL C 528 3.89 -19.18 8.75
CA VAL C 528 4.10 -18.32 9.92
C VAL C 528 4.80 -17.04 9.46
N GLY C 529 4.10 -15.90 9.59
CA GLY C 529 4.62 -14.58 9.23
C GLY C 529 5.56 -13.97 10.28
N GLY C 530 5.66 -12.64 10.27
CA GLY C 530 6.51 -11.87 11.18
C GLY C 530 6.26 -12.19 12.67
N HIS C 531 7.34 -12.31 13.43
CA HIS C 531 7.29 -12.58 14.86
C HIS C 531 7.02 -11.29 15.65
N VAL C 532 6.12 -11.34 16.64
CA VAL C 532 5.72 -10.14 17.40
C VAL C 532 5.55 -10.51 18.86
N GLU C 533 6.19 -9.78 19.78
CA GLU C 533 6.12 -10.00 21.24
C GLU C 533 5.84 -8.68 21.97
N SER C 534 5.03 -8.75 23.02
CA SER C 534 4.86 -7.66 24.00
C SER C 534 5.35 -8.25 25.31
N LEU C 535 6.50 -7.75 25.76
CA LEU C 535 7.31 -8.35 26.82
C LEU C 535 7.06 -7.64 28.13
N GLU C 536 7.06 -6.30 28.09
CA GLU C 536 6.74 -5.44 29.23
C GLU C 536 5.63 -4.42 28.89
N ALA C 537 4.98 -3.92 29.95
CA ALA C 537 3.99 -2.85 29.89
C ALA C 537 4.24 -1.87 31.04
N GLY C 538 4.06 -0.58 30.80
CA GLY C 538 4.49 0.46 31.73
C GLY C 538 4.87 1.78 31.05
N VAL C 539 5.30 2.72 31.89
CA VAL C 539 5.95 3.98 31.51
C VAL C 539 7.45 3.82 31.68
N PHE C 540 8.21 4.10 30.63
CA PHE C 540 9.69 4.07 30.72
C PHE C 540 10.21 5.47 30.38
N ARG C 541 11.07 6.05 31.23
CA ARG C 541 11.50 7.46 30.99
C ARG C 541 13.01 7.62 31.15
N SER C 542 13.63 8.46 30.31
CA SER C 542 15.08 8.71 30.38
C SER C 542 15.56 9.34 31.70
N ASP C 543 14.63 9.90 32.48
CA ASP C 543 14.81 10.56 33.77
C ASP C 543 14.27 9.76 34.97
N LEU C 544 13.62 8.61 34.74
CA LEU C 544 13.17 7.68 35.79
C LEU C 544 14.08 6.44 35.85
N LYS C 545 14.43 5.95 37.03
CA LYS C 545 15.33 4.79 37.17
C LYS C 545 14.63 3.46 36.86
N ASN C 546 15.37 2.51 36.31
CA ASN C 546 14.95 1.14 36.10
C ASN C 546 15.99 0.14 36.66
N GLU C 547 15.51 -0.97 37.22
CA GLU C 547 16.36 -2.09 37.58
C GLU C 547 16.80 -2.88 36.34
N PHE C 548 18.09 -3.22 36.29
CA PHE C 548 18.73 -4.07 35.29
C PHE C 548 19.43 -5.24 35.99
N LYS C 549 19.30 -6.44 35.41
CA LYS C 549 19.99 -7.66 35.86
C LYS C 549 20.72 -8.26 34.67
N ILE C 550 21.93 -7.77 34.46
CA ILE C 550 22.81 -8.14 33.36
C ILE C 550 23.33 -9.56 33.63
N ASP C 551 23.30 -10.39 32.60
CA ASP C 551 23.93 -11.72 32.61
C ASP C 551 25.44 -11.54 32.41
N PRO C 552 26.30 -11.86 33.41
CA PRO C 552 27.74 -11.70 33.28
C PRO C 552 28.32 -12.51 32.11
N SER C 553 27.70 -13.65 31.75
CA SER C 553 28.15 -14.47 30.62
C SER C 553 27.89 -13.82 29.26
N ALA C 554 26.87 -12.95 29.15
CA ALA C 554 26.65 -12.17 27.94
C ALA C 554 27.73 -11.10 27.76
N ILE C 555 28.20 -10.50 28.86
CA ILE C 555 29.30 -9.55 28.83
C ILE C 555 30.62 -10.25 28.49
N ASP C 556 30.85 -11.48 28.99
CA ASP C 556 32.00 -12.28 28.58
C ASP C 556 32.00 -12.62 27.09
N GLU C 557 30.85 -13.01 26.52
CA GLU C 557 30.72 -13.17 25.07
C GLU C 557 31.02 -11.86 24.33
N LEU C 558 30.43 -10.74 24.75
CA LEU C 558 30.64 -9.43 24.11
C LEU C 558 32.10 -8.95 24.19
N LEU C 559 32.79 -9.18 25.32
CA LEU C 559 34.22 -8.88 25.47
C LEU C 559 35.09 -9.74 24.54
N GLN C 560 34.73 -11.01 24.33
CA GLN C 560 35.44 -11.92 23.42
C GLN C 560 35.17 -11.59 21.94
N GLU C 561 33.98 -11.09 21.62
CA GLU C 561 33.57 -10.66 20.27
C GLU C 561 34.05 -9.24 19.92
N LEU C 562 34.31 -8.39 20.92
CA LEU C 562 34.61 -6.96 20.75
C LEU C 562 35.67 -6.62 19.68
N PRO C 563 36.83 -7.31 19.58
CA PRO C 563 37.85 -6.95 18.58
C PRO C 563 37.33 -7.11 17.14
N GLU C 564 36.67 -8.23 16.86
CA GLU C 564 36.13 -8.55 15.54
C GLU C 564 34.86 -7.74 15.25
N ALA C 565 34.04 -7.42 16.25
CA ALA C 565 32.88 -6.54 16.09
C ALA C 565 33.27 -5.09 15.74
N LEU C 566 34.36 -4.57 16.33
CA LEU C 566 34.88 -3.25 15.97
C LEU C 566 35.55 -3.25 14.59
N LYS C 567 36.30 -4.30 14.25
CA LYS C 567 36.87 -4.49 12.91
C LYS C 567 35.76 -4.57 11.86
N PHE C 568 34.72 -5.35 12.12
CA PHE C 568 33.51 -5.45 11.29
C PHE C 568 32.83 -4.09 11.08
N SER C 569 32.75 -3.24 12.11
CA SER C 569 32.18 -1.90 11.97
C SER C 569 33.01 -0.99 11.04
N VAL C 570 34.33 -1.13 11.04
CA VAL C 570 35.21 -0.39 10.11
C VAL C 570 35.12 -0.97 8.69
N GLU C 571 35.25 -2.29 8.55
CA GLU C 571 35.41 -2.98 7.26
C GLU C 571 34.10 -3.19 6.50
N VAL C 572 33.00 -3.50 7.19
CA VAL C 572 31.73 -3.88 6.58
C VAL C 572 30.69 -2.75 6.68
N GLU C 573 30.46 -2.21 7.87
CA GLU C 573 29.46 -1.13 8.06
C GLU C 573 29.91 0.18 7.41
N ASN C 574 31.17 0.58 7.66
CA ASN C 574 31.76 1.82 7.15
C ASN C 574 32.66 1.67 5.92
N LYS C 575 32.84 0.44 5.40
CA LYS C 575 33.52 0.13 4.11
C LYS C 575 34.92 0.76 4.00
N SER C 576 35.65 0.76 5.11
CA SER C 576 37.00 1.31 5.27
C SER C 576 37.99 0.22 5.71
N SER C 577 39.28 0.50 5.85
CA SER C 577 40.25 -0.47 6.38
C SER C 577 40.71 -0.06 7.78
N VAL C 578 40.90 -1.03 8.69
CA VAL C 578 41.36 -0.78 10.06
C VAL C 578 42.70 -0.04 10.11
N ASP C 579 43.59 -0.29 9.14
CA ASP C 579 44.91 0.36 9.04
C ASP C 579 44.83 1.90 8.93
N LYS C 580 43.69 2.44 8.47
CA LYS C 580 43.48 3.89 8.34
C LYS C 580 42.94 4.53 9.62
N VAL C 581 42.61 3.75 10.65
CA VAL C 581 41.93 4.22 11.87
C VAL C 581 42.92 4.45 13.00
N THR C 582 43.14 5.73 13.33
CA THR C 582 44.19 6.16 14.27
C THR C 582 43.87 5.84 15.74
N ASN C 583 42.59 5.81 16.11
CA ASN C 583 42.13 5.64 17.51
C ASN C 583 41.41 4.31 17.78
N PHE C 584 41.68 3.25 16.99
CA PHE C 584 40.98 1.97 17.10
C PHE C 584 41.08 1.35 18.52
N GLU C 585 42.30 1.29 19.06
CA GLU C 585 42.55 0.78 20.41
C GLU C 585 42.00 1.70 21.52
N GLU C 586 41.91 3.00 21.29
CA GLU C 586 41.30 3.93 22.25
C GLU C 586 39.81 3.61 22.44
N ILE C 587 39.06 3.49 21.33
CA ILE C 587 37.64 3.14 21.34
C ILE C 587 37.43 1.74 21.92
N LYS C 588 38.28 0.76 21.56
CA LYS C 588 38.23 -0.60 22.10
C LYS C 588 38.38 -0.60 23.63
N ASN C 589 39.35 0.15 24.16
CA ASN C 589 39.60 0.24 25.60
C ASN C 589 38.46 0.94 26.34
N GLN C 590 37.88 2.02 25.79
CA GLN C 590 36.71 2.71 26.35
C GLN C 590 35.49 1.78 26.46
N ILE C 591 35.21 0.99 25.42
CA ILE C 591 34.10 0.01 25.44
C ILE C 591 34.40 -1.12 26.44
N THR C 592 35.64 -1.63 26.45
CA THR C 592 36.08 -2.69 27.36
C THR C 592 35.90 -2.30 28.83
N GLN C 593 36.26 -1.07 29.22
CA GLN C 593 36.07 -0.57 30.58
C GLN C 593 34.59 -0.57 31.00
N LYS C 594 33.70 0.00 30.16
CA LYS C 594 32.26 0.01 30.45
C LYS C 594 31.67 -1.40 30.55
N LEU C 595 32.09 -2.33 29.68
CA LEU C 595 31.65 -3.73 29.76
C LEU C 595 32.13 -4.40 31.05
N LEU C 596 33.41 -4.26 31.42
CA LEU C 596 33.93 -4.84 32.67
C LEU C 596 33.19 -4.30 33.91
N GLU C 597 32.89 -3.00 33.97
CA GLU C 597 32.14 -2.40 35.08
C GLU C 597 30.71 -2.96 35.18
N LEU C 598 30.05 -3.20 34.05
CA LEU C 598 28.73 -3.85 33.97
C LEU C 598 28.76 -5.35 34.29
N LYS C 599 29.89 -6.02 34.06
CA LYS C 599 30.09 -7.44 34.45
C LYS C 599 30.22 -7.58 35.95
N GLU C 600 31.00 -6.71 36.59
CA GLU C 600 31.24 -6.72 38.03
C GLU C 600 30.01 -6.25 38.81
N ASN C 601 29.41 -5.13 38.36
CA ASN C 601 28.19 -4.57 38.94
C ASN C 601 26.97 -4.96 38.11
N ASN C 602 26.68 -6.27 38.01
CA ASN C 602 25.67 -6.77 37.07
C ASN C 602 24.20 -6.54 37.50
N ILE C 603 23.94 -6.20 38.76
CA ILE C 603 22.62 -5.77 39.24
C ILE C 603 22.69 -4.27 39.53
N ARG C 604 22.02 -3.45 38.71
CA ARG C 604 22.04 -1.98 38.81
C ARG C 604 20.63 -1.41 38.84
N ASN C 605 20.48 -0.23 39.42
CA ASN C 605 19.25 0.55 39.38
C ASN C 605 19.60 2.00 39.01
N GLU C 606 19.54 2.29 37.71
CA GLU C 606 20.02 3.52 37.09
C GLU C 606 19.04 4.01 36.01
N LEU C 607 19.34 5.13 35.37
CA LEU C 607 18.52 5.66 34.29
C LEU C 607 18.60 4.75 33.04
N PRO C 608 17.55 4.67 32.21
CA PRO C 608 17.57 3.94 30.94
C PRO C 608 18.06 4.81 29.77
N LEU C 609 18.54 4.13 28.73
CA LEU C 609 18.58 4.62 27.35
C LEU C 609 17.48 3.89 26.58
N ILE C 610 16.47 4.62 26.10
CA ILE C 610 15.34 4.07 25.34
C ILE C 610 15.73 4.02 23.87
N TYR C 611 15.90 2.83 23.32
CA TYR C 611 16.35 2.62 21.94
C TYR C 611 15.36 1.79 21.13
N HIS C 612 15.31 2.09 19.82
CA HIS C 612 14.74 1.24 18.81
C HIS C 612 15.88 0.71 17.92
N VAL C 613 15.99 -0.59 17.77
CA VAL C 613 16.90 -1.22 16.80
C VAL C 613 16.07 -2.00 15.78
N ASP C 614 16.21 -1.66 14.51
CA ASP C 614 15.35 -2.13 13.41
C ASP C 614 16.20 -2.54 12.20
N VAL C 615 15.85 -3.63 11.53
CA VAL C 615 16.62 -4.13 10.39
C VAL C 615 16.27 -3.34 9.13
N ALA C 616 17.25 -2.63 8.57
CA ALA C 616 17.13 -1.92 7.31
C ALA C 616 16.53 -2.84 6.23
N SER C 617 15.34 -2.53 5.70
CA SER C 617 14.72 -3.28 4.60
C SER C 617 14.75 -4.81 4.81
N MET C 618 14.37 -5.29 6.01
CA MET C 618 14.60 -6.65 6.49
C MET C 618 14.37 -7.76 5.45
N TYR C 619 13.15 -7.90 4.93
CA TYR C 619 12.80 -8.98 4.00
C TYR C 619 13.55 -8.89 2.67
N PRO C 620 13.63 -7.72 1.98
CA PRO C 620 14.54 -7.52 0.86
C PRO C 620 15.99 -7.95 1.11
N ASN C 621 16.56 -7.62 2.27
CA ASN C 621 17.95 -7.98 2.60
C ASN C 621 18.12 -9.47 2.90
N ILE C 622 17.14 -10.12 3.54
CA ILE C 622 17.09 -11.59 3.68
C ILE C 622 17.02 -12.25 2.30
N MET C 623 16.21 -11.69 1.39
CA MET C 623 16.05 -12.18 0.03
C MET C 623 17.35 -12.06 -0.78
N THR C 624 18.00 -10.89 -0.79
CA THR C 624 19.28 -10.74 -1.49
C THR C 624 20.38 -11.60 -0.87
N THR C 625 20.51 -11.63 0.45
CA THR C 625 21.51 -12.44 1.16
C THR C 625 21.40 -13.93 0.82
N ASN C 626 20.20 -14.50 0.86
CA ASN C 626 19.98 -15.94 0.64
C ASN C 626 19.72 -16.29 -0.84
N ARG C 627 19.80 -15.30 -1.74
CA ARG C 627 19.51 -15.43 -3.18
C ARG C 627 18.09 -15.97 -3.47
N LEU C 628 17.12 -15.54 -2.66
CA LEU C 628 15.73 -16.00 -2.68
C LEU C 628 14.94 -15.32 -3.80
N GLN C 629 14.37 -16.18 -4.65
CA GLN C 629 13.52 -15.74 -5.79
C GLN C 629 12.51 -16.86 -5.93
N PRO C 630 11.56 -16.86 -6.89
CA PRO C 630 10.68 -18.00 -7.11
C PRO C 630 11.29 -18.68 -8.35
N ASP C 631 12.44 -18.18 -8.82
CA ASP C 631 13.13 -18.74 -10.02
C ASP C 631 14.09 -19.83 -9.57
N SER C 632 14.22 -20.01 -8.26
CA SER C 632 15.22 -21.00 -7.79
C SER C 632 14.53 -22.10 -6.98
N ILE C 633 13.62 -21.78 -6.04
CA ILE C 633 13.05 -22.86 -5.25
C ILE C 633 12.89 -24.10 -6.14
N LYS C 634 13.81 -25.06 -5.99
CA LYS C 634 13.81 -26.31 -6.78
C LYS C 634 13.34 -27.49 -5.94
N ALA C 635 12.61 -28.41 -6.57
CA ALA C 635 12.31 -29.72 -6.00
C ALA C 635 13.56 -30.62 -6.00
N GLU C 636 13.51 -31.75 -5.28
CA GLU C 636 14.57 -32.77 -5.38
C GLU C 636 14.72 -33.28 -6.82
N ARG C 637 13.63 -33.35 -7.61
CA ARG C 637 13.62 -33.75 -9.02
C ARG C 637 14.45 -32.80 -9.89
N ASP C 638 14.12 -31.52 -9.92
CA ASP C 638 14.79 -30.52 -10.76
C ASP C 638 16.26 -30.37 -10.36
N CYS C 639 16.55 -30.46 -9.04
CA CYS C 639 17.92 -30.50 -8.55
C CYS C 639 18.65 -31.78 -9.03
N ALA C 640 18.02 -32.96 -9.02
CA ALA C 640 18.59 -34.22 -9.53
C ALA C 640 18.82 -34.22 -11.04
N SER C 641 17.97 -33.54 -11.81
CA SER C 641 18.09 -33.40 -13.27
C SER C 641 19.19 -32.41 -13.71
N CYS C 642 19.69 -31.56 -12.81
CA CYS C 642 20.68 -30.53 -13.08
C CYS C 642 22.12 -31.08 -13.18
N ASP C 643 22.84 -30.80 -14.28
CA ASP C 643 24.22 -31.25 -14.53
C ASP C 643 25.28 -30.68 -13.55
N PHE C 644 24.93 -29.65 -12.79
CA PHE C 644 25.77 -29.14 -11.69
C PHE C 644 25.63 -29.93 -10.38
N ASN C 645 24.74 -30.93 -10.31
CA ASN C 645 24.50 -31.76 -9.13
C ASN C 645 25.52 -32.91 -9.03
N ARG C 646 26.70 -32.61 -8.49
CA ARG C 646 27.76 -33.58 -8.23
C ARG C 646 27.92 -33.91 -6.74
N PRO C 647 28.65 -34.98 -6.39
CA PRO C 647 29.33 -35.07 -5.09
C PRO C 647 30.04 -33.74 -4.78
N GLY C 648 30.01 -33.30 -3.52
CA GLY C 648 30.61 -32.02 -3.11
C GLY C 648 29.83 -30.74 -3.48
N LYS C 649 28.62 -30.82 -4.08
CA LYS C 649 27.89 -29.60 -4.49
C LYS C 649 27.64 -28.61 -3.34
N THR C 650 28.04 -27.36 -3.55
CA THR C 650 27.80 -26.25 -2.61
C THR C 650 26.58 -25.39 -2.98
N CYS C 651 26.08 -25.47 -4.21
CA CYS C 651 25.05 -24.58 -4.75
C CYS C 651 23.61 -24.84 -4.28
N ALA C 652 23.37 -25.91 -3.52
CA ALA C 652 22.06 -26.28 -3.00
C ALA C 652 21.91 -25.81 -1.55
N ARG C 653 21.53 -24.54 -1.35
CA ARG C 653 21.30 -23.98 -0.01
C ARG C 653 19.94 -24.44 0.50
N LYS C 654 19.93 -25.24 1.58
CA LYS C 654 18.69 -25.71 2.20
C LYS C 654 18.23 -24.73 3.27
N LEU C 655 16.97 -24.28 3.20
CA LEU C 655 16.39 -23.37 4.18
C LEU C 655 15.03 -23.87 4.65
N LYS C 656 14.73 -23.57 5.92
CA LYS C 656 13.49 -23.96 6.59
C LYS C 656 12.42 -22.88 6.46
N TRP C 657 11.17 -23.32 6.52
CA TRP C 657 9.99 -22.47 6.64
C TRP C 657 8.90 -23.19 7.42
N ALA C 658 7.99 -22.44 8.05
CA ALA C 658 6.89 -23.00 8.82
C ALA C 658 5.57 -22.85 8.04
N TRP C 659 5.10 -23.93 7.42
CA TRP C 659 3.79 -24.01 6.77
C TRP C 659 2.69 -24.06 7.84
N ARG C 660 1.54 -23.44 7.56
CA ARG C 660 0.36 -23.45 8.44
C ARG C 660 -0.90 -23.75 7.63
N GLY C 661 -1.47 -24.94 7.86
CA GLY C 661 -2.80 -25.30 7.37
C GLY C 661 -3.91 -24.86 8.31
N GLU C 662 -5.05 -24.48 7.75
CA GLU C 662 -6.36 -24.52 8.41
C GLU C 662 -7.27 -25.46 7.61
N PHE C 663 -7.38 -26.70 8.08
CA PHE C 663 -8.12 -27.71 7.28
C PHE C 663 -9.32 -28.26 8.06
N PHE C 664 -10.30 -28.80 7.35
CA PHE C 664 -11.53 -29.32 8.00
C PHE C 664 -11.20 -30.64 8.72
N PRO C 665 -11.84 -30.91 9.88
CA PRO C 665 -11.54 -32.11 10.67
C PRO C 665 -11.93 -33.40 9.94
N SER C 666 -12.45 -33.28 8.72
CA SER C 666 -12.95 -34.48 8.00
C SER C 666 -11.84 -35.13 7.18
N LYS C 667 -11.85 -36.45 7.09
CA LYS C 667 -10.83 -37.21 6.36
C LYS C 667 -11.24 -37.50 4.91
N MET C 668 -10.33 -38.06 4.12
CA MET C 668 -10.51 -38.31 2.69
C MET C 668 -11.66 -39.30 2.38
N ASP C 669 -11.90 -40.29 3.24
CA ASP C 669 -13.03 -41.21 3.15
C ASP C 669 -14.38 -40.50 3.37
N GLU C 670 -14.43 -39.59 4.34
CA GLU C 670 -15.61 -38.75 4.61
C GLU C 670 -15.85 -37.72 3.49
N TYR C 671 -14.80 -37.08 2.98
CA TYR C 671 -14.87 -36.23 1.79
C TYR C 671 -15.48 -36.99 0.60
N ASN C 672 -14.99 -38.21 0.32
CA ASN C 672 -15.48 -39.05 -0.77
C ASN C 672 -16.93 -39.48 -0.56
N MET C 673 -17.34 -39.75 0.68
CA MET C 673 -18.75 -40.00 1.04
C MET C 673 -19.64 -38.77 0.76
N ILE C 674 -19.21 -37.56 1.10
CA ILE C 674 -19.94 -36.32 0.79
C ILE C 674 -20.02 -36.09 -0.73
N LYS C 675 -18.94 -36.34 -1.48
CA LYS C 675 -18.93 -36.23 -2.95
C LYS C 675 -19.93 -37.19 -3.60
N ARG C 676 -19.94 -38.47 -3.19
CA ARG C 676 -20.92 -39.47 -3.66
C ARG C 676 -22.37 -39.09 -3.31
N ALA C 677 -22.60 -38.46 -2.15
CA ALA C 677 -23.94 -37.98 -1.79
C ALA C 677 -24.39 -36.83 -2.72
N LEU C 678 -23.51 -35.88 -3.03
CA LEU C 678 -23.79 -34.77 -3.93
C LEU C 678 -24.01 -35.19 -5.40
N GLN C 679 -23.37 -36.27 -5.85
CA GLN C 679 -23.61 -36.86 -7.19
C GLN C 679 -25.05 -37.36 -7.40
N ASN C 680 -25.79 -37.64 -6.31
CA ASN C 680 -27.21 -38.00 -6.36
C ASN C 680 -28.16 -36.80 -6.27
N GLU C 681 -27.64 -35.58 -6.08
CA GLU C 681 -28.43 -34.33 -6.04
C GLU C 681 -28.46 -33.64 -7.44
N THR C 682 -29.41 -32.72 -7.61
CA THR C 682 -29.57 -31.94 -8.86
C THR C 682 -29.47 -30.45 -8.59
N PHE C 683 -28.87 -29.71 -9.52
CA PHE C 683 -28.44 -28.33 -9.29
C PHE C 683 -29.00 -27.37 -10.35
N PRO C 684 -29.35 -26.12 -10.00
CA PRO C 684 -29.83 -25.14 -10.97
C PRO C 684 -28.71 -24.69 -11.90
N ASN C 685 -28.99 -24.58 -13.19
CA ASN C 685 -28.01 -24.06 -14.15
C ASN C 685 -27.86 -22.54 -13.99
N LYS C 686 -26.63 -22.11 -13.70
CA LYS C 686 -26.26 -20.69 -13.53
C LYS C 686 -26.27 -19.91 -14.85
N ASN C 687 -26.07 -20.59 -15.98
CA ASN C 687 -26.02 -19.96 -17.29
C ASN C 687 -27.44 -19.68 -17.83
N LYS C 688 -27.88 -18.42 -17.68
CA LYS C 688 -29.19 -17.92 -18.17
C LYS C 688 -29.41 -18.08 -19.69
N PHE C 689 -28.35 -18.22 -20.49
CA PHE C 689 -28.45 -18.45 -21.94
C PHE C 689 -28.72 -19.91 -22.31
N SER C 690 -28.57 -20.85 -21.37
CA SER C 690 -28.87 -22.27 -21.62
C SER C 690 -30.34 -22.59 -21.36
N LYS C 691 -30.96 -23.33 -22.29
CA LYS C 691 -32.31 -23.86 -22.13
C LYS C 691 -32.41 -24.97 -21.06
N LYS C 692 -31.28 -25.58 -20.69
CA LYS C 692 -31.23 -26.66 -19.68
C LYS C 692 -31.22 -26.05 -18.28
N LYS C 693 -32.36 -26.10 -17.56
CA LYS C 693 -32.51 -25.49 -16.22
C LYS C 693 -31.81 -26.26 -15.09
N VAL C 694 -31.51 -27.55 -15.28
CA VAL C 694 -31.00 -28.46 -14.24
C VAL C 694 -29.75 -29.17 -14.74
N LEU C 695 -28.75 -29.31 -13.86
CA LEU C 695 -27.49 -30.00 -14.07
C LEU C 695 -27.30 -31.12 -13.04
N THR C 696 -26.57 -32.17 -13.39
CA THR C 696 -26.02 -33.13 -12.39
C THR C 696 -24.78 -32.53 -11.72
N PHE C 697 -24.28 -33.16 -10.65
CA PHE C 697 -23.06 -32.71 -9.98
C PHE C 697 -21.84 -32.67 -10.93
N ASP C 698 -21.63 -33.72 -11.71
CA ASP C 698 -20.48 -33.83 -12.61
C ASP C 698 -20.57 -32.88 -13.82
N GLU C 699 -21.77 -32.39 -14.16
CA GLU C 699 -21.99 -31.34 -15.17
C GLU C 699 -21.74 -29.91 -14.64
N LEU C 700 -21.58 -29.73 -13.32
CA LEU C 700 -21.15 -28.45 -12.75
C LEU C 700 -19.67 -28.19 -13.03
N SER C 701 -19.27 -26.92 -13.04
CA SER C 701 -17.85 -26.56 -13.04
C SER C 701 -17.16 -27.09 -11.78
N TYR C 702 -15.87 -27.43 -11.85
CA TYR C 702 -15.14 -27.99 -10.70
C TYR C 702 -15.12 -27.04 -9.49
N ALA C 703 -15.08 -25.72 -9.74
CA ALA C 703 -15.20 -24.71 -8.69
C ALA C 703 -16.58 -24.77 -7.99
N ASP C 704 -17.66 -24.98 -8.73
CA ASP C 704 -19.00 -25.10 -8.18
C ASP C 704 -19.18 -26.42 -7.41
N GLN C 705 -18.64 -27.52 -7.93
CA GLN C 705 -18.59 -28.81 -7.23
C GLN C 705 -17.95 -28.65 -5.84
N VAL C 706 -16.78 -28.00 -5.76
CA VAL C 706 -16.06 -27.76 -4.50
C VAL C 706 -16.82 -26.80 -3.57
N ILE C 707 -17.51 -25.78 -4.09
CA ILE C 707 -18.39 -24.92 -3.26
C ILE C 707 -19.50 -25.74 -2.57
N HIS C 708 -20.14 -26.67 -3.30
CA HIS C 708 -21.16 -27.56 -2.74
C HIS C 708 -20.57 -28.57 -1.74
N ILE C 709 -19.41 -29.15 -2.04
CA ILE C 709 -18.66 -30.03 -1.13
C ILE C 709 -18.33 -29.30 0.17
N LYS C 710 -17.72 -28.10 0.12
CA LYS C 710 -17.38 -27.30 1.29
C LYS C 710 -18.61 -26.99 2.16
N LYS C 711 -19.75 -26.65 1.54
CA LYS C 711 -21.03 -26.45 2.26
C LYS C 711 -21.44 -27.70 3.06
N ARG C 712 -21.50 -28.88 2.43
CA ARG C 712 -21.87 -30.13 3.15
C ARG C 712 -20.80 -30.60 4.13
N LEU C 713 -19.52 -30.36 3.87
CA LEU C 713 -18.44 -30.62 4.83
C LEU C 713 -18.51 -29.72 6.06
N THR C 714 -18.91 -28.45 5.95
CA THR C 714 -19.12 -27.59 7.13
C THR C 714 -20.21 -28.12 8.07
N GLU C 715 -21.30 -28.64 7.51
CA GLU C 715 -22.40 -29.25 8.27
C GLU C 715 -21.98 -30.59 8.89
N TYR C 716 -21.36 -31.46 8.10
CA TYR C 716 -20.87 -32.77 8.55
C TYR C 716 -19.82 -32.64 9.65
N SER C 717 -18.80 -31.80 9.45
CA SER C 717 -17.72 -31.55 10.43
C SER C 717 -18.29 -31.04 11.75
N ARG C 718 -19.24 -30.09 11.70
CA ARG C 718 -19.91 -29.57 12.90
C ARG C 718 -20.72 -30.65 13.63
N LYS C 719 -21.35 -31.57 12.90
CA LYS C 719 -22.18 -32.64 13.45
C LYS C 719 -21.35 -33.78 14.07
N VAL C 720 -20.23 -34.15 13.46
CA VAL C 720 -19.41 -35.32 13.86
C VAL C 720 -18.26 -34.92 14.80
N TYR C 721 -17.57 -33.81 14.53
CA TYR C 721 -16.37 -33.38 15.27
C TYR C 721 -16.62 -32.20 16.21
N HIS C 722 -17.86 -31.68 16.28
CA HIS C 722 -18.27 -30.52 17.08
C HIS C 722 -17.52 -29.20 16.80
N ARG C 723 -16.55 -29.25 15.86
CA ARG C 723 -15.70 -28.06 15.58
C ARG C 723 -15.13 -28.15 14.15
N VAL C 724 -14.49 -27.07 13.68
CA VAL C 724 -14.64 -26.60 12.26
C VAL C 724 -13.29 -26.43 11.56
N LYS C 725 -12.30 -25.78 12.19
CA LYS C 725 -11.04 -25.50 11.45
C LYS C 725 -9.81 -25.82 12.30
N VAL C 726 -9.38 -27.07 12.34
CA VAL C 726 -8.12 -27.37 13.02
C VAL C 726 -7.05 -26.53 12.34
N SER C 727 -6.08 -26.01 13.10
CA SER C 727 -4.88 -25.40 12.53
C SER C 727 -3.65 -26.13 13.04
N GLU C 728 -2.71 -26.36 12.13
CA GLU C 728 -1.48 -27.10 12.37
C GLU C 728 -0.31 -26.35 11.72
N ILE C 729 0.84 -26.37 12.38
CA ILE C 729 2.08 -25.76 11.88
C ILE C 729 3.09 -26.88 11.67
N VAL C 730 3.61 -26.99 10.45
CA VAL C 730 4.59 -28.00 10.05
C VAL C 730 5.84 -27.29 9.56
N GLU C 731 6.98 -27.57 10.17
CA GLU C 731 8.27 -27.09 9.68
C GLU C 731 8.66 -27.90 8.43
N ARG C 732 8.90 -27.20 7.33
CA ARG C 732 9.29 -27.75 6.02
C ARG C 732 10.64 -27.18 5.60
N GLU C 733 11.28 -27.86 4.67
CA GLU C 733 12.59 -27.52 4.12
C GLU C 733 12.46 -27.40 2.60
N ALA C 734 13.15 -26.43 2.00
CA ALA C 734 13.20 -26.25 0.55
C ALA C 734 14.62 -25.92 0.08
N ILE C 735 14.90 -26.23 -1.19
CA ILE C 735 16.22 -26.10 -1.80
C ILE C 735 16.27 -24.81 -2.61
N VAL C 736 17.14 -23.89 -2.21
CA VAL C 736 17.39 -22.62 -2.90
C VAL C 736 18.63 -22.76 -3.77
N CYS C 737 18.44 -22.89 -5.08
CA CYS C 737 19.51 -22.94 -6.06
C CYS C 737 20.29 -21.62 -6.09
N GLN C 738 21.62 -21.80 -6.00
CA GLN C 738 22.54 -20.63 -6.10
C GLN C 738 23.04 -20.48 -7.54
N ARG C 739 22.94 -21.54 -8.39
CA ARG C 739 23.52 -21.52 -9.77
C ARG C 739 22.45 -21.05 -10.77
N GLU C 740 21.18 -21.00 -10.35
CA GLU C 740 20.05 -20.62 -11.19
C GLU C 740 20.23 -19.18 -11.68
N ASN C 741 20.11 -18.74 -13.16
CA ASN C 741 20.08 -17.43 -13.84
C ASN C 741 19.64 -16.27 -12.95
N PRO C 742 20.50 -15.28 -12.78
CA PRO C 742 20.20 -14.24 -11.79
C PRO C 742 19.49 -13.00 -12.32
N PHE C 743 18.16 -12.90 -12.18
CA PHE C 743 17.50 -11.81 -12.88
C PHE C 743 16.62 -11.15 -11.83
N TYR C 744 16.09 -11.98 -10.93
CA TYR C 744 15.21 -11.49 -9.89
C TYR C 744 16.06 -10.77 -8.85
N VAL C 745 17.03 -11.51 -8.32
CA VAL C 745 17.93 -11.01 -7.31
C VAL C 745 18.80 -9.89 -7.85
N ASP C 746 19.15 -9.94 -9.14
CA ASP C 746 19.91 -8.83 -9.71
C ASP C 746 19.07 -7.57 -9.74
N THR C 747 17.76 -7.72 -10.00
CA THR C 747 16.85 -6.58 -9.91
C THR C 747 16.79 -6.04 -8.49
N VAL C 748 16.88 -6.93 -7.51
CA VAL C 748 16.79 -6.45 -6.14
C VAL C 748 18.08 -5.78 -5.68
N LYS C 749 19.23 -6.45 -5.86
CA LYS C 749 20.54 -5.85 -5.60
C LYS C 749 20.72 -4.51 -6.32
N SER C 750 20.39 -4.48 -7.61
CA SER C 750 20.61 -3.29 -8.43
C SER C 750 19.69 -2.16 -8.00
N PHE C 751 18.46 -2.52 -7.69
CA PHE C 751 17.49 -1.55 -7.22
C PHE C 751 17.88 -0.98 -5.86
N ARG C 752 18.31 -1.85 -4.95
CA ARG C 752 18.86 -1.42 -3.67
C ARG C 752 20.04 -0.47 -3.82
N ASP C 753 20.95 -0.77 -4.75
CA ASP C 753 22.09 0.12 -4.94
C ASP C 753 21.72 1.46 -5.56
N ARG C 754 20.82 1.47 -6.53
CA ARG C 754 20.32 2.74 -7.09
C ARG C 754 19.63 3.58 -6.01
N ARG C 755 18.81 2.96 -5.16
CA ARG C 755 18.22 3.72 -4.05
C ARG C 755 19.31 4.29 -3.14
N TYR C 756 20.28 3.46 -2.73
CA TYR C 756 21.39 3.99 -1.93
C TYR C 756 22.08 5.16 -2.63
N GLU C 757 22.29 5.02 -3.95
CA GLU C 757 22.83 6.05 -4.84
C GLU C 757 22.08 7.37 -4.64
N PHE C 758 20.75 7.30 -4.62
CA PHE C 758 19.97 8.52 -4.54
C PHE C 758 19.98 9.10 -3.13
N LYS C 759 19.93 8.26 -2.09
CA LYS C 759 20.20 8.74 -0.74
C LYS C 759 21.53 9.49 -0.66
N GLY C 760 22.55 8.97 -1.34
CA GLY C 760 23.85 9.64 -1.37
C GLY C 760 23.76 10.97 -2.09
N LEU C 761 23.17 10.96 -3.29
CA LEU C 761 23.01 12.16 -4.10
C LEU C 761 22.22 13.22 -3.34
N ALA C 762 21.10 12.81 -2.74
CA ALA C 762 20.33 13.58 -1.77
C ALA C 762 21.23 14.32 -0.77
N LYS C 763 22.14 13.57 -0.12
CA LYS C 763 23.02 14.19 0.88
C LYS C 763 23.97 15.20 0.23
N THR C 764 24.48 14.88 -0.96
CA THR C 764 25.38 15.80 -1.67
C THR C 764 24.62 17.07 -2.01
N TRP C 765 23.37 16.91 -2.44
CA TRP C 765 22.51 18.02 -2.80
C TRP C 765 22.17 18.84 -1.56
N LYS C 766 22.00 18.18 -0.41
CA LYS C 766 21.72 18.89 0.84
C LYS C 766 22.88 19.83 1.14
N GLY C 767 24.09 19.34 0.84
CA GLY C 767 25.27 20.14 1.07
C GLY C 767 25.28 21.29 0.07
N ASN C 768 24.88 21.01 -1.17
CA ASN C 768 24.82 22.07 -2.18
C ASN C 768 23.77 23.12 -1.82
N LEU C 769 22.61 22.70 -1.28
CA LEU C 769 21.58 23.68 -0.90
C LEU C 769 22.00 24.51 0.30
N SER C 770 23.09 24.18 0.98
CA SER C 770 23.44 25.09 2.05
C SER C 770 24.79 25.79 1.84
N LYS C 771 25.74 25.16 1.13
CA LYS C 771 27.08 25.70 0.90
C LYS C 771 27.04 27.13 0.33
N ILE C 772 26.28 27.32 -0.75
CA ILE C 772 26.14 28.51 -1.57
C ILE C 772 25.57 29.74 -0.88
N ASP C 773 25.33 30.77 -1.69
CA ASP C 773 24.86 32.08 -1.27
C ASP C 773 23.37 32.01 -0.89
N PRO C 774 22.84 33.07 -0.26
CA PRO C 774 21.42 33.04 0.17
C PRO C 774 20.41 33.72 -0.75
N SER C 775 20.81 34.20 -1.91
CA SER C 775 19.88 34.86 -2.83
C SER C 775 19.06 33.73 -3.46
N ASP C 776 17.99 33.35 -2.74
CA ASP C 776 17.05 32.28 -3.09
C ASP C 776 16.61 32.30 -4.56
N LYS C 777 16.32 33.48 -5.10
CA LYS C 777 16.04 33.60 -6.53
C LYS C 777 17.34 34.04 -7.20
N HIS C 778 18.16 33.07 -7.54
CA HIS C 778 19.35 33.30 -8.34
C HIS C 778 19.64 32.05 -9.17
N ALA C 779 18.58 31.51 -9.80
CA ALA C 779 18.66 30.31 -10.66
C ALA C 779 19.15 29.09 -9.89
N ARG C 780 18.74 28.99 -8.63
CA ARG C 780 18.96 27.78 -7.85
C ARG C 780 17.68 27.16 -7.31
N ASP C 781 16.51 27.63 -7.75
CA ASP C 781 15.29 26.89 -7.46
C ASP C 781 15.12 25.68 -8.36
N GLU C 782 15.94 25.55 -9.39
CA GLU C 782 15.99 24.32 -10.18
C GLU C 782 16.71 23.24 -9.40
N ALA C 783 17.74 23.65 -8.63
CA ALA C 783 18.47 22.72 -7.79
C ALA C 783 17.57 22.15 -6.71
N LYS C 784 16.60 22.91 -6.19
CA LYS C 784 15.82 22.37 -5.03
C LYS C 784 14.73 21.39 -5.50
N LYS C 785 14.20 21.66 -6.69
CA LYS C 785 13.16 20.76 -7.25
C LYS C 785 13.81 19.41 -7.51
N MET C 786 15.07 19.40 -7.95
CA MET C 786 15.77 18.14 -8.29
C MET C 786 16.07 17.42 -6.97
N ILE C 787 16.20 18.17 -5.90
CA ILE C 787 16.37 17.55 -4.56
C ILE C 787 15.07 16.82 -4.27
N VAL C 788 13.95 17.52 -4.40
CA VAL C 788 12.67 16.77 -4.21
C VAL C 788 12.72 15.56 -5.12
N LEU C 789 13.22 15.69 -6.35
CA LEU C 789 13.17 14.62 -7.38
C LEU C 789 13.96 13.39 -6.95
N TYR C 790 15.19 13.58 -6.45
CA TYR C 790 16.02 12.41 -6.11
C TYR C 790 15.42 11.83 -4.83
N ASP C 791 14.90 12.69 -3.97
CA ASP C 791 14.22 12.13 -2.78
C ASP C 791 13.12 11.22 -3.27
N SER C 792 12.40 11.72 -4.28
CA SER C 792 11.24 10.99 -4.80
C SER C 792 11.71 9.73 -5.49
N LEU C 793 12.77 9.78 -6.29
CA LEU C 793 13.23 8.50 -6.88
C LEU C 793 13.71 7.60 -5.74
N GLN C 794 14.24 8.17 -4.65
CA GLN C 794 14.63 7.33 -3.49
C GLN C 794 13.38 6.64 -2.94
N LEU C 795 12.36 7.43 -2.64
CA LEU C 795 11.16 6.84 -2.00
C LEU C 795 10.57 5.83 -2.99
N ALA C 796 10.82 6.05 -4.27
CA ALA C 796 10.18 5.20 -5.30
C ALA C 796 10.88 3.86 -5.29
N HIS C 797 12.20 3.86 -5.39
CA HIS C 797 12.88 2.56 -5.32
C HIS C 797 12.50 1.92 -3.99
N LYS C 798 12.26 2.72 -2.96
CA LYS C 798 11.99 2.14 -1.62
C LYS C 798 10.68 1.34 -1.68
N VAL C 799 9.65 2.00 -2.15
CA VAL C 799 8.34 1.30 -2.23
C VAL C 799 8.56 0.10 -3.13
N ILE C 800 9.23 0.26 -4.27
CA ILE C 800 9.34 -0.89 -5.22
C ILE C 800 9.96 -2.06 -4.48
N LEU C 801 11.03 -1.84 -3.71
CA LEU C 801 11.75 -2.94 -3.00
C LEU C 801 10.84 -3.58 -1.95
N ASN C 802 10.28 -2.75 -1.08
CA ASN C 802 9.48 -3.38 0.00
C ASN C 802 8.33 -4.14 -0.66
N SER C 803 7.92 -3.73 -1.87
CA SER C 803 6.80 -4.37 -2.59
C SER C 803 7.24 -5.72 -3.16
N PHE C 804 8.34 -5.73 -3.91
CA PHE C 804 8.87 -7.03 -4.34
C PHE C 804 8.68 -7.88 -3.10
N TYR C 805 9.12 -7.36 -1.96
CA TYR C 805 9.07 -8.23 -0.76
C TYR C 805 7.65 -8.80 -0.57
N GLY C 806 6.61 -8.03 -0.90
CA GLY C 806 5.22 -8.50 -0.73
C GLY C 806 4.75 -9.23 -1.97
N TYR C 807 4.64 -8.53 -3.10
CA TYR C 807 4.32 -9.13 -4.41
C TYR C 807 4.48 -10.65 -4.34
N VAL C 808 5.65 -11.07 -3.89
CA VAL C 808 5.83 -12.56 -3.92
C VAL C 808 4.77 -13.39 -3.16
N MET C 809 3.75 -12.80 -2.57
CA MET C 809 2.68 -13.66 -2.03
C MET C 809 1.40 -13.15 -2.68
N ARG C 810 1.56 -12.43 -3.79
CA ARG C 810 0.41 -11.83 -4.52
C ARG C 810 -0.43 -12.88 -5.23
N LYS C 811 -1.42 -13.45 -4.55
CA LYS C 811 -2.25 -14.53 -5.16
C LYS C 811 -2.72 -14.08 -6.53
N GLY C 812 -2.54 -14.93 -7.55
CA GLY C 812 -3.02 -14.59 -8.90
C GLY C 812 -1.95 -13.91 -9.72
N SER C 813 -0.97 -13.31 -9.04
CA SER C 813 0.16 -12.68 -9.78
C SER C 813 1.05 -13.77 -10.37
N ARG C 814 2.04 -13.39 -11.17
CA ARG C 814 3.02 -14.38 -11.71
C ARG C 814 4.20 -14.44 -10.75
N TRP C 815 5.20 -15.25 -11.07
CA TRP C 815 6.40 -15.28 -10.21
C TRP C 815 5.95 -15.44 -8.75
N TYR C 816 4.73 -15.90 -8.51
CA TYR C 816 4.25 -16.17 -7.14
C TYR C 816 5.23 -17.17 -6.50
N SER C 817 5.28 -17.28 -5.17
CA SER C 817 6.28 -18.16 -4.52
C SER C 817 5.91 -18.38 -3.05
N MET C 818 4.73 -18.95 -2.78
CA MET C 818 4.28 -19.07 -1.37
C MET C 818 5.43 -19.54 -0.47
N GLU C 819 6.20 -20.53 -0.93
CA GLU C 819 7.38 -20.98 -0.15
C GLU C 819 8.23 -19.77 0.15
N MET C 820 9.31 -19.55 -0.60
CA MET C 820 10.14 -18.35 -0.56
C MET C 820 9.65 -17.35 0.50
N ALA C 821 8.35 -17.07 0.52
CA ALA C 821 7.76 -16.15 1.48
C ALA C 821 7.88 -16.68 2.93
N GLY C 822 7.63 -17.99 3.12
CA GLY C 822 7.79 -18.67 4.40
C GLY C 822 9.24 -18.71 4.90
N ILE C 823 10.22 -18.95 4.02
CA ILE C 823 11.66 -18.89 4.34
C ILE C 823 12.03 -17.48 4.79
N THR C 824 11.58 -16.47 4.05
CA THR C 824 11.89 -15.05 4.34
C THR C 824 11.38 -14.68 5.74
N CYS C 825 10.14 -15.06 6.07
CA CYS C 825 9.55 -14.80 7.38
C CYS C 825 10.22 -15.60 8.52
N LEU C 826 10.49 -16.90 8.34
CA LEU C 826 11.11 -17.71 9.39
C LEU C 826 12.56 -17.29 9.66
N THR C 827 13.31 -16.95 8.61
CA THR C 827 14.67 -16.40 8.73
C THR C 827 14.63 -15.09 9.50
N GLY C 828 13.68 -14.19 9.17
CA GLY C 828 13.48 -12.93 9.89
C GLY C 828 13.11 -13.13 11.37
N ALA C 829 12.16 -14.02 11.65
CA ALA C 829 11.78 -14.41 13.01
C ALA C 829 12.97 -14.95 13.82
N THR C 830 13.86 -15.72 13.18
CA THR C 830 15.06 -16.28 13.81
C THR C 830 16.10 -15.18 14.11
N ILE C 831 16.31 -14.23 13.19
CA ILE C 831 17.20 -13.08 13.37
C ILE C 831 16.73 -12.22 14.55
N ILE C 832 15.45 -11.84 14.59
CA ILE C 832 14.93 -10.93 15.61
C ILE C 832 14.85 -11.61 17.00
N GLN C 833 14.57 -12.91 17.07
CA GLN C 833 14.66 -13.68 18.32
C GLN C 833 16.10 -13.81 18.84
N MET C 834 17.09 -13.94 17.93
CA MET C 834 18.51 -13.94 18.28
C MET C 834 18.95 -12.58 18.85
N ALA C 835 18.55 -11.48 18.21
CA ALA C 835 18.79 -10.13 18.70
C ALA C 835 18.13 -9.88 20.07
N ARG C 836 16.85 -10.24 20.23
CA ARG C 836 16.12 -10.14 21.51
C ARG C 836 16.82 -10.92 22.61
N ALA C 837 17.27 -12.15 22.35
CA ALA C 837 17.95 -12.98 23.33
C ALA C 837 19.29 -12.40 23.82
N LEU C 838 19.97 -11.57 23.03
CA LEU C 838 21.11 -10.78 23.50
C LEU C 838 20.64 -9.56 24.32
N VAL C 839 19.69 -8.78 23.78
CA VAL C 839 19.19 -7.55 24.43
C VAL C 839 18.56 -7.84 25.80
N GLU C 840 17.88 -8.98 25.95
CA GLU C 840 17.32 -9.48 27.21
C GLU C 840 18.38 -9.85 28.27
N ARG C 841 19.61 -10.14 27.84
CA ARG C 841 20.74 -10.48 28.72
C ARG C 841 21.56 -9.25 29.15
N VAL C 842 21.49 -8.14 28.42
CA VAL C 842 22.26 -6.91 28.70
C VAL C 842 21.39 -5.69 29.06
N GLY C 843 20.08 -5.78 28.88
CA GLY C 843 19.09 -4.75 29.14
C GLY C 843 17.70 -5.37 29.25
N ARG C 844 16.64 -4.61 28.90
CA ARG C 844 15.25 -5.09 28.93
C ARG C 844 14.52 -4.72 27.63
N PRO C 845 14.23 -5.70 26.75
CA PRO C 845 13.36 -5.48 25.60
C PRO C 845 11.89 -5.33 26.04
N LEU C 846 11.20 -4.33 25.51
CA LEU C 846 9.85 -3.92 25.89
C LEU C 846 8.80 -4.46 24.91
N GLU C 847 9.04 -4.24 23.61
CA GLU C 847 8.19 -4.69 22.50
C GLU C 847 9.07 -5.11 21.34
N LEU C 848 8.60 -6.09 20.57
CA LEU C 848 9.26 -6.61 19.39
C LEU C 848 8.19 -6.75 18.31
N ASP C 849 8.43 -6.12 17.16
CA ASP C 849 7.53 -6.19 16.01
C ASP C 849 8.31 -6.45 14.73
N THR C 850 8.35 -7.72 14.33
CA THR C 850 8.85 -8.23 13.04
C THR C 850 10.35 -8.02 12.81
N ASP C 851 10.76 -6.78 12.54
CA ASP C 851 12.10 -6.30 12.26
C ASP C 851 12.67 -5.38 13.35
N GLY C 852 11.80 -4.74 14.14
CA GLY C 852 12.18 -3.83 15.22
C GLY C 852 12.11 -4.43 16.64
N ILE C 853 13.06 -4.03 17.50
CA ILE C 853 13.02 -4.21 18.96
C ILE C 853 13.07 -2.85 19.64
N TRP C 854 12.09 -2.57 20.48
CA TRP C 854 12.14 -1.50 21.47
C TRP C 854 12.76 -2.03 22.76
N CYS C 855 13.78 -1.36 23.27
CA CYS C 855 14.45 -1.77 24.51
C CYS C 855 14.88 -0.59 25.37
N ILE C 856 15.12 -0.89 26.65
CA ILE C 856 15.92 -0.04 27.53
C ILE C 856 17.25 -0.71 27.85
N LEU C 857 18.33 0.05 27.72
CA LEU C 857 19.67 -0.33 28.17
C LEU C 857 20.06 0.51 29.40
N PRO C 858 21.00 0.05 30.25
CA PRO C 858 21.57 0.90 31.31
C PRO C 858 22.20 2.16 30.70
N LYS C 859 22.06 3.33 31.34
CA LYS C 859 22.71 4.58 30.86
C LYS C 859 24.24 4.52 30.86
N SER C 860 24.81 3.60 31.64
CA SER C 860 26.24 3.30 31.65
C SER C 860 26.71 2.44 30.47
N PHE C 861 25.80 1.88 29.66
CA PHE C 861 26.13 1.01 28.53
C PHE C 861 27.02 1.74 27.48
N PRO C 862 27.94 1.03 26.80
CA PRO C 862 28.68 1.60 25.66
C PRO C 862 27.74 1.95 24.51
N GLU C 863 27.80 3.20 24.04
CA GLU C 863 26.77 3.82 23.21
C GLU C 863 27.36 4.25 21.84
N THR C 864 27.55 5.55 21.61
CA THR C 864 28.04 6.11 20.34
C THR C 864 29.50 6.54 20.46
N TYR C 865 30.29 6.20 19.44
CA TYR C 865 31.71 6.56 19.32
C TYR C 865 32.04 6.99 17.89
N PHE C 866 33.24 7.56 17.70
CA PHE C 866 33.73 7.94 16.39
C PHE C 866 35.16 7.45 16.17
N PHE C 867 35.36 6.65 15.12
CA PHE C 867 36.68 6.31 14.62
C PHE C 867 37.23 7.48 13.80
N THR C 868 38.50 7.83 14.01
CA THR C 868 39.18 8.91 13.29
C THR C 868 40.11 8.31 12.26
N LEU C 869 39.87 8.60 10.99
CA LEU C 869 40.74 8.21 9.89
C LEU C 869 41.97 9.13 9.81
N GLU C 870 43.07 8.65 9.23
CA GLU C 870 44.29 9.47 8.98
C GLU C 870 44.00 10.78 8.23
N ASN C 871 42.99 10.80 7.36
CA ASN C 871 42.55 11.99 6.63
C ASN C 871 41.63 12.94 7.43
N GLY C 872 41.49 12.73 8.74
CA GLY C 872 40.68 13.52 9.66
C GLY C 872 39.16 13.28 9.57
N LYS C 873 38.67 12.50 8.59
CA LYS C 873 37.25 12.12 8.55
C LYS C 873 36.90 11.18 9.71
N LYS C 874 35.69 11.33 10.24
CA LYS C 874 35.16 10.49 11.31
C LYS C 874 34.16 9.48 10.77
N LEU C 875 34.32 8.22 11.15
CA LEU C 875 33.35 7.14 10.92
C LEU C 875 32.49 6.96 12.17
N TYR C 876 31.21 6.68 11.98
CA TYR C 876 30.24 6.53 13.06
C TYR C 876 30.21 5.08 13.57
N LEU C 877 30.24 4.90 14.89
CA LEU C 877 30.02 3.62 15.57
C LEU C 877 28.87 3.76 16.57
N SER C 878 27.88 2.88 16.47
CA SER C 878 26.90 2.62 17.53
C SER C 878 27.11 1.21 18.04
N TYR C 879 27.72 1.05 19.21
CA TYR C 879 28.06 -0.27 19.72
C TYR C 879 26.86 -1.21 19.91
N PRO C 880 25.69 -0.76 20.42
CA PRO C 880 24.49 -1.60 20.52
C PRO C 880 24.02 -2.14 19.16
N CYS C 881 24.30 -1.41 18.07
CA CYS C 881 23.94 -1.79 16.72
C CYS C 881 25.00 -2.74 16.12
N SER C 882 26.27 -2.37 16.18
CA SER C 882 27.38 -3.16 15.63
C SER C 882 27.57 -4.51 16.33
N MET C 883 27.29 -4.62 17.64
CA MET C 883 27.32 -5.92 18.34
C MET C 883 26.25 -6.89 17.80
N LEU C 884 25.09 -6.38 17.39
CA LEU C 884 24.03 -7.17 16.76
C LEU C 884 24.42 -7.53 15.32
N ASN C 885 24.89 -6.55 14.55
CA ASN C 885 25.28 -6.75 13.15
C ASN C 885 26.41 -7.77 12.99
N TYR C 886 27.43 -7.71 13.84
CA TYR C 886 28.49 -8.73 13.89
C TYR C 886 27.93 -10.14 14.10
N ARG C 887 27.04 -10.32 15.08
CA ARG C 887 26.38 -11.63 15.34
C ARG C 887 25.45 -12.07 14.21
N VAL C 888 24.78 -11.14 13.53
CA VAL C 888 23.99 -11.44 12.34
C VAL C 888 24.89 -11.94 11.21
N HIS C 889 26.03 -11.29 10.98
CA HIS C 889 26.98 -11.72 9.97
C HIS C 889 27.67 -13.05 10.29
N GLN C 890 27.95 -13.36 11.57
CA GLN C 890 28.50 -14.68 11.93
C GLN C 890 27.49 -15.83 11.85
N LYS C 891 26.17 -15.57 11.88
CA LYS C 891 25.13 -16.63 11.93
C LYS C 891 24.29 -16.78 10.67
N PHE C 892 24.10 -15.71 9.90
CA PHE C 892 23.15 -15.68 8.78
C PHE C 892 23.78 -15.36 7.42
N THR C 893 25.12 -15.23 7.35
CA THR C 893 25.83 -15.04 6.07
C THR C 893 25.66 -16.25 5.15
N ASN C 894 25.51 -15.97 3.85
CA ASN C 894 25.41 -16.99 2.82
C ASN C 894 26.78 -17.22 2.18
N HIS C 895 27.54 -18.17 2.73
CA HIS C 895 28.82 -18.62 2.17
C HIS C 895 28.68 -19.50 0.90
N GLN C 896 27.45 -19.70 0.41
CA GLN C 896 27.13 -20.52 -0.76
C GLN C 896 26.68 -19.70 -1.96
N TYR C 897 26.72 -18.36 -1.86
CA TYR C 897 26.26 -17.48 -2.94
C TYR C 897 27.11 -17.71 -4.19
N GLN C 898 26.47 -17.99 -5.33
CA GLN C 898 27.17 -18.20 -6.60
C GLN C 898 26.73 -17.16 -7.63
N GLU C 899 27.72 -16.64 -8.34
CA GLU C 899 27.54 -15.61 -9.36
C GLU C 899 28.33 -15.95 -10.62
N LEU C 900 27.76 -15.60 -11.77
CA LEU C 900 28.21 -16.10 -13.07
C LEU C 900 29.27 -15.15 -13.64
N LYS C 901 30.55 -15.51 -13.45
CA LYS C 901 31.71 -14.69 -13.82
C LYS C 901 31.99 -14.68 -15.31
N ASP C 902 31.82 -15.82 -15.97
CA ASP C 902 32.04 -15.99 -17.41
C ASP C 902 30.78 -16.60 -18.07
N PRO C 903 29.95 -15.79 -18.75
CA PRO C 903 28.72 -16.24 -19.40
C PRO C 903 28.94 -17.09 -20.66
N LEU C 904 30.14 -17.09 -21.26
CA LEU C 904 30.43 -17.91 -22.44
C LEU C 904 30.79 -19.35 -22.03
N ASN C 905 31.46 -19.50 -20.89
CA ASN C 905 31.92 -20.79 -20.35
C ASN C 905 31.08 -21.31 -19.17
N TYR C 906 30.05 -20.58 -18.75
CA TYR C 906 29.19 -20.90 -17.60
C TYR C 906 30.00 -21.14 -16.30
N ILE C 907 31.03 -20.32 -16.06
CA ILE C 907 31.88 -20.40 -14.87
C ILE C 907 31.26 -19.56 -13.76
N TYR C 908 31.04 -20.18 -12.61
CA TYR C 908 30.52 -19.55 -11.41
C TYR C 908 31.61 -19.39 -10.36
N GLU C 909 31.67 -18.22 -9.73
CA GLU C 909 32.46 -17.96 -8.53
C GLU C 909 31.56 -18.13 -7.30
N THR C 910 32.12 -18.60 -6.18
CA THR C 910 31.39 -18.70 -4.90
C THR C 910 31.94 -17.70 -3.92
N HIS C 911 31.10 -16.84 -3.36
CA HIS C 911 31.48 -15.84 -2.37
C HIS C 911 30.54 -15.83 -1.16
N SER C 912 30.85 -14.98 -0.17
CA SER C 912 30.04 -14.82 1.04
C SER C 912 29.22 -13.54 0.97
N GLU C 913 27.91 -13.67 0.90
CA GLU C 913 26.97 -12.54 0.80
C GLU C 913 26.20 -12.37 2.12
N ASN C 914 26.10 -11.13 2.62
CA ASN C 914 25.16 -10.74 3.67
C ASN C 914 24.94 -9.23 3.66
N THR C 915 23.69 -8.80 3.59
CA THR C 915 23.27 -7.39 3.56
C THR C 915 22.33 -7.02 4.70
N ILE C 916 22.26 -7.84 5.76
CA ILE C 916 21.30 -7.70 6.86
C ILE C 916 21.92 -6.88 8.00
N PHE C 917 21.56 -5.60 8.08
CA PHE C 917 22.02 -4.68 9.11
C PHE C 917 20.84 -4.12 9.91
N PHE C 918 20.96 -4.12 11.24
CA PHE C 918 20.24 -3.21 12.11
C PHE C 918 20.69 -1.77 11.86
N GLU C 919 19.74 -0.85 11.94
CA GLU C 919 19.91 0.58 12.19
C GLU C 919 19.47 0.86 13.64
N VAL C 920 19.94 1.96 14.24
CA VAL C 920 19.49 2.42 15.55
C VAL C 920 18.79 3.77 15.42
N ASP C 921 17.65 3.91 16.09
CA ASP C 921 16.91 5.15 16.28
C ASP C 921 16.76 5.44 17.78
N GLY C 922 17.01 6.70 18.17
CA GLY C 922 17.03 7.18 19.56
C GLY C 922 18.39 7.77 19.97
N PRO C 923 18.62 8.04 21.28
CA PRO C 923 17.73 7.68 22.39
C PRO C 923 16.45 8.52 22.45
N TYR C 924 15.64 8.10 23.72
CA TYR C 924 14.43 8.86 23.86
C TYR C 924 14.17 9.28 25.31
N LYS C 925 13.26 10.24 25.47
CA LYS C 925 12.90 10.74 26.77
C LYS C 925 11.96 9.80 27.50
N ALA C 926 11.06 9.16 26.77
CA ALA C 926 10.14 8.24 27.40
C ALA C 926 9.40 7.32 26.44
N MET C 927 8.91 6.22 27.01
CA MET C 927 8.13 5.24 26.32
C MET C 927 7.13 4.73 27.32
N ILE C 928 5.89 4.57 26.89
CA ILE C 928 4.79 4.14 27.73
C ILE C 928 4.10 3.02 27.05
N LEU C 929 4.00 1.90 27.73
CA LEU C 929 3.40 0.72 27.18
C LEU C 929 2.26 0.28 28.07
N PRO C 930 1.12 -0.07 27.47
CA PRO C 930 -0.07 -0.45 28.20
C PRO C 930 -0.02 -1.89 28.57
N SER C 931 -0.92 -2.35 29.44
CA SER C 931 -1.02 -3.76 29.79
C SER C 931 -2.40 -4.25 29.55
N SER C 932 -2.52 -5.56 29.36
CA SER C 932 -3.85 -6.18 29.21
C SER C 932 -4.64 -6.33 30.54
N LYS C 933 -5.94 -6.53 30.42
CA LYS C 933 -6.84 -6.82 31.55
C LYS C 933 -6.74 -8.24 32.07
N GLU C 934 -6.06 -9.10 31.30
CA GLU C 934 -5.90 -10.54 31.58
C GLU C 934 -4.57 -10.82 32.28
N GLU C 935 -4.56 -11.85 33.13
CA GLU C 935 -3.36 -12.09 33.95
C GLU C 935 -2.14 -12.51 33.10
N GLY C 936 -0.97 -11.97 33.41
CA GLY C 936 0.28 -12.35 32.74
C GLY C 936 0.36 -12.09 31.24
N LYS C 937 -0.59 -11.31 30.68
CA LYS C 937 -0.59 -10.99 29.26
C LYS C 937 -0.30 -9.51 28.99
N GLY C 938 0.48 -9.26 27.95
CA GLY C 938 0.82 -7.89 27.52
C GLY C 938 -0.08 -7.44 26.35
N ILE C 939 0.26 -6.30 25.78
CA ILE C 939 -0.46 -5.78 24.62
C ILE C 939 0.64 -5.51 23.59
N LYS C 940 0.53 -6.11 22.43
CA LYS C 940 1.47 -5.83 21.36
C LYS C 940 0.95 -4.71 20.52
N LYS C 941 1.87 -4.08 19.82
CA LYS C 941 1.54 -3.09 18.81
C LYS C 941 0.85 -1.83 19.25
N ARG C 942 1.09 -1.43 20.49
CA ARG C 942 0.59 -0.17 21.00
C ARG C 942 1.58 0.41 21.97
N TYR C 943 1.97 1.63 21.73
CA TYR C 943 2.87 2.31 22.65
C TYR C 943 2.94 3.75 22.26
N ALA C 944 3.53 4.56 23.12
CA ALA C 944 3.80 5.98 22.90
C ALA C 944 5.25 6.23 23.27
N VAL C 945 5.94 7.03 22.47
CA VAL C 945 7.33 7.36 22.70
C VAL C 945 7.50 8.88 22.49
N PHE C 946 8.34 9.52 23.31
CA PHE C 946 8.54 11.01 23.31
C PHE C 946 9.98 11.35 23.12
N ASN C 947 10.25 12.38 22.34
CA ASN C 947 11.62 12.83 22.08
C ASN C 947 12.13 13.65 23.26
N GLU C 948 13.44 13.90 23.27
CA GLU C 948 14.05 14.68 24.38
C GLU C 948 13.39 16.03 24.53
N ASP C 949 13.09 16.66 23.40
CA ASP C 949 12.47 17.98 23.41
C ASP C 949 11.01 17.99 23.93
N GLY C 950 10.45 16.84 24.28
CA GLY C 950 9.10 16.79 24.81
C GLY C 950 8.02 16.49 23.79
N SER C 951 8.40 16.47 22.50
CA SER C 951 7.43 16.19 21.43
C SER C 951 7.24 14.68 21.26
N LEU C 952 6.14 14.32 20.63
CA LEU C 952 5.69 12.97 20.43
C LEU C 952 6.44 12.43 19.22
N ALA C 953 7.14 11.34 19.44
CA ALA C 953 7.98 10.74 18.44
C ALA C 953 7.21 9.61 17.73
N GLU C 954 6.48 8.82 18.50
CA GLU C 954 5.66 7.75 17.95
C GLU C 954 4.46 7.49 18.85
N LEU C 955 3.34 7.29 18.18
CA LEU C 955 2.14 6.79 18.77
C LEU C 955 1.67 5.64 17.89
N LYS C 956 1.64 4.41 18.41
CA LYS C 956 1.24 3.26 17.62
C LYS C 956 0.01 2.59 18.14
N GLY C 957 -0.87 2.29 17.22
CA GLY C 957 -1.96 1.38 17.35
C GLY C 957 -3.22 1.81 18.00
N PHE C 958 -3.09 2.72 18.98
CA PHE C 958 -4.21 3.16 19.83
C PHE C 958 -5.42 3.73 19.06
N GLU C 959 -6.58 3.76 19.73
CA GLU C 959 -7.83 4.23 19.14
C GLU C 959 -7.71 5.63 18.59
N LEU C 960 -6.88 6.44 19.22
CA LEU C 960 -6.67 7.82 18.78
C LEU C 960 -6.31 7.89 17.29
N LYS C 961 -5.51 6.93 16.84
CA LYS C 961 -5.00 6.92 15.46
C LYS C 961 -5.96 6.24 14.47
N ARG C 962 -6.77 5.30 14.96
CA ARG C 962 -7.60 4.47 14.10
C ARG C 962 -8.79 5.25 13.59
N ARG C 963 -9.19 4.98 12.36
CA ARG C 963 -10.43 5.54 11.86
C ARG C 963 -11.61 5.02 12.63
N GLY C 964 -12.56 5.87 12.88
CA GLY C 964 -13.70 5.44 13.63
C GLY C 964 -13.37 5.44 15.09
N GLU C 965 -13.89 4.47 15.84
CA GLU C 965 -13.63 4.39 17.24
C GLU C 965 -14.38 5.43 18.08
N LEU C 966 -14.66 5.09 19.32
CA LEU C 966 -15.37 5.91 20.25
C LEU C 966 -14.61 7.18 20.53
N GLN C 967 -15.21 8.30 20.22
CA GLN C 967 -14.50 9.58 20.25
C GLN C 967 -14.01 9.96 21.65
N LEU C 968 -14.80 9.65 22.66
CA LEU C 968 -14.42 9.87 24.06
C LEU C 968 -13.07 9.21 24.37
N ILE C 969 -12.84 8.02 23.84
CA ILE C 969 -11.61 7.28 24.08
C ILE C 969 -10.44 7.96 23.39
N LYS C 970 -10.66 8.49 22.20
CA LYS C 970 -9.64 9.24 21.44
C LYS C 970 -9.23 10.54 22.11
N ASN C 971 -10.23 11.26 22.61
CA ASN C 971 -9.97 12.50 23.33
C ASN C 971 -9.26 12.22 24.66
N PHE C 972 -9.66 11.18 25.36
CA PHE C 972 -8.88 10.71 26.51
C PHE C 972 -7.41 10.46 26.20
N GLN C 973 -7.14 9.58 25.25
CA GLN C 973 -5.77 9.21 24.94
C GLN C 973 -4.98 10.41 24.50
N SER C 974 -5.65 11.28 23.75
CA SER C 974 -5.05 12.52 23.30
C SER C 974 -4.70 13.47 24.47
N ASP C 975 -5.48 13.48 25.54
CA ASP C 975 -5.03 14.13 26.76
C ASP C 975 -3.90 13.37 27.50
N ILE C 976 -3.99 12.05 27.66
CA ILE C 976 -3.16 11.49 28.72
C ILE C 976 -1.71 11.31 28.39
N PHE C 977 -1.33 11.02 27.13
CA PHE C 977 0.02 10.51 26.96
C PHE C 977 1.06 11.51 27.37
N LYS C 978 0.87 12.76 27.01
CA LYS C 978 1.96 13.76 27.31
C LYS C 978 2.15 13.99 28.83
N VAL C 979 1.12 13.71 29.60
CA VAL C 979 1.10 13.93 31.05
C VAL C 979 2.01 12.93 31.74
N PHE C 980 2.49 11.91 31.02
CA PHE C 980 3.51 10.98 31.57
C PHE C 980 4.90 11.58 31.67
N LEU C 981 5.06 12.77 31.14
CA LEU C 981 6.32 13.48 31.22
C LEU C 981 6.38 14.39 32.50
N GLU C 982 5.26 14.47 33.22
CA GLU C 982 5.17 15.22 34.49
C GLU C 982 5.58 14.39 35.71
N GLY C 983 5.93 15.12 36.77
CA GLY C 983 6.37 14.55 38.03
C GLY C 983 7.88 14.36 38.04
N ASP C 984 8.46 14.24 39.24
CA ASP C 984 9.86 13.94 39.44
C ASP C 984 10.10 12.50 39.87
N THR C 985 9.05 11.75 40.23
CA THR C 985 9.19 10.34 40.66
C THR C 985 8.19 9.57 39.84
N LEU C 986 8.33 8.25 39.86
CA LEU C 986 7.39 7.40 39.21
C LEU C 986 6.01 7.63 39.81
N GLU C 987 5.91 7.73 41.14
CA GLU C 987 4.61 7.90 41.79
C GLU C 987 4.04 9.26 41.41
N GLY C 988 4.85 10.32 41.41
CA GLY C 988 4.36 11.65 40.98
C GLY C 988 3.84 11.65 39.52
N CYS C 989 4.44 10.80 38.71
CA CYS C 989 4.08 10.72 37.32
C CYS C 989 2.73 10.02 37.20
N TYR C 990 2.53 8.95 37.92
CA TYR C 990 1.22 8.32 37.94
C TYR C 990 0.13 9.21 38.56
N SER C 991 0.52 10.09 39.47
CA SER C 991 -0.42 11.05 40.10
C SER C 991 -0.90 12.12 39.12
N ALA C 992 0.02 12.62 38.33
CA ALA C 992 -0.34 13.63 37.39
C ALA C 992 -1.32 13.08 36.36
N VAL C 993 -1.11 11.86 35.92
CA VAL C 993 -2.03 11.29 34.97
C VAL C 993 -3.36 10.83 35.61
N ALA C 994 -3.34 10.41 36.87
CA ALA C 994 -4.57 10.12 37.64
C ALA C 994 -5.53 11.27 37.60
N SER C 995 -4.98 12.45 37.75
CA SER C 995 -5.79 13.66 37.77
C SER C 995 -6.56 13.84 36.46
N VAL C 996 -5.92 13.57 35.33
CA VAL C 996 -6.59 13.62 34.03
C VAL C 996 -7.62 12.52 33.95
N CYS C 997 -7.29 11.34 34.45
CA CYS C 997 -8.29 10.32 34.52
C CYS C 997 -9.53 10.76 35.33
N ASN C 998 -9.31 11.47 36.42
CA ASN C 998 -10.43 11.82 37.30
C ASN C 998 -11.29 12.94 36.67
N ARG C 999 -10.67 13.83 35.90
CA ARG C 999 -11.42 14.78 35.09
C ARG C 999 -12.38 14.08 34.12
N TRP C 1000 -11.90 13.05 33.42
CA TRP C 1000 -12.73 12.34 32.46
C TRP C 1000 -13.76 11.47 33.17
N LEU C 1001 -13.41 10.87 34.29
CA LEU C 1001 -14.40 10.10 35.02
C LEU C 1001 -15.60 10.98 35.55
N ASP C 1002 -15.29 12.22 35.91
CA ASP C 1002 -16.29 13.18 36.37
C ASP C 1002 -17.31 13.50 35.28
N VAL C 1003 -16.84 13.65 34.04
CA VAL C 1003 -17.77 13.85 32.91
C VAL C 1003 -18.78 12.73 32.79
N LEU C 1004 -18.34 11.48 32.95
CA LEU C 1004 -19.32 10.39 32.85
C LEU C 1004 -20.15 10.16 34.10
N ASP C 1005 -19.56 10.31 35.29
CA ASP C 1005 -20.36 10.22 36.54
C ASP C 1005 -21.40 11.34 36.58
N SER C 1006 -21.06 12.49 36.05
CA SER C 1006 -22.00 13.57 36.00
C SER C 1006 -22.97 13.49 34.84
N HIS C 1007 -23.00 12.34 34.15
CA HIS C 1007 -23.90 12.08 33.02
C HIS C 1007 -23.81 13.20 31.96
N GLY C 1008 -22.65 13.82 31.85
CA GLY C 1008 -22.43 14.81 30.81
C GLY C 1008 -22.97 16.20 31.08
N LEU C 1009 -23.56 16.41 32.25
CA LEU C 1009 -24.22 17.66 32.52
C LEU C 1009 -23.34 18.85 32.38
N MET C 1010 -22.09 18.69 32.73
CA MET C 1010 -21.13 19.77 32.65
C MET C 1010 -20.62 19.99 31.22
N LEU C 1011 -21.51 19.94 30.23
CA LEU C 1011 -21.16 19.78 28.83
C LEU C 1011 -22.24 20.26 27.90
N GLU C 1012 -21.85 21.00 26.88
CA GLU C 1012 -22.76 21.55 25.89
C GLU C 1012 -23.37 20.44 25.10
N ASP C 1013 -24.57 20.63 24.64
CA ASP C 1013 -25.28 19.51 24.03
C ASP C 1013 -24.64 19.03 22.69
N GLU C 1014 -24.07 19.96 21.92
CA GLU C 1014 -23.39 19.62 20.66
C GLU C 1014 -22.13 18.88 21.01
N ASP C 1015 -21.36 19.43 21.96
CA ASP C 1015 -20.17 18.75 22.44
C ASP C 1015 -20.42 17.32 23.03
N LEU C 1016 -21.63 17.08 23.53
CA LEU C 1016 -21.93 15.81 24.15
C LEU C 1016 -22.07 14.82 23.02
N VAL C 1017 -22.89 15.12 22.02
CA VAL C 1017 -23.16 14.18 20.95
C VAL C 1017 -21.87 13.75 20.25
N SER C 1018 -21.04 14.75 19.95
CA SER C 1018 -19.70 14.63 19.44
C SER C 1018 -18.80 13.68 20.23
N LEU C 1019 -18.71 13.86 21.55
CA LEU C 1019 -17.90 13.02 22.44
C LEU C 1019 -18.36 11.58 22.56
N ILE C 1020 -19.68 11.36 22.58
CA ILE C 1020 -20.23 10.00 22.86
C ILE C 1020 -20.37 9.15 21.59
N CYS C 1021 -20.22 9.80 20.46
CA CYS C 1021 -20.35 9.20 19.16
C CYS C 1021 -19.29 8.17 18.86
N GLU C 1022 -19.70 7.06 18.30
CA GLU C 1022 -18.80 6.12 17.71
C GLU C 1022 -19.12 6.00 16.23
N ASN C 1023 -18.06 6.06 15.43
CA ASN C 1023 -18.13 6.08 13.99
C ASN C 1023 -17.39 4.85 13.48
N ARG C 1024 -18.03 4.07 12.63
CA ARG C 1024 -17.44 2.87 12.07
C ARG C 1024 -17.75 2.77 10.56
N SER C 1025 -16.75 2.56 9.71
CA SER C 1025 -16.99 2.36 8.29
C SER C 1025 -17.46 0.97 8.05
N MET C 1026 -18.49 0.82 7.21
CA MET C 1026 -18.88 -0.49 6.65
C MET C 1026 -18.14 -0.60 5.32
N SER C 1027 -17.31 -1.62 5.14
CA SER C 1027 -16.53 -1.70 3.92
C SER C 1027 -17.38 -2.11 2.70
N LYS C 1028 -18.49 -2.81 2.92
CA LYS C 1028 -19.42 -3.11 1.82
C LYS C 1028 -20.76 -2.37 1.96
N THR C 1029 -21.80 -2.82 1.22
CA THR C 1029 -23.13 -2.24 1.36
C THR C 1029 -23.88 -3.09 2.34
N LEU C 1030 -24.92 -2.51 2.91
CA LEU C 1030 -25.69 -3.18 3.93
C LEU C 1030 -26.24 -4.55 3.48
N LYS C 1031 -26.61 -4.70 2.21
CA LYS C 1031 -27.17 -5.98 1.71
C LYS C 1031 -26.26 -7.21 1.89
N GLU C 1032 -24.94 -6.96 1.78
CA GLU C 1032 -23.92 -8.01 1.78
C GLU C 1032 -23.52 -8.45 3.21
N TYR C 1033 -24.29 -8.05 4.20
CA TYR C 1033 -23.93 -8.40 5.56
C TYR C 1033 -25.00 -9.28 6.19
N GLU C 1034 -25.76 -9.97 5.35
CA GLU C 1034 -27.02 -10.58 5.78
C GLU C 1034 -26.73 -11.79 6.68
N GLY C 1035 -27.44 -11.88 7.79
CA GLY C 1035 -27.10 -12.86 8.85
C GLY C 1035 -25.85 -12.56 9.69
N GLN C 1036 -25.36 -11.34 9.60
CA GLN C 1036 -24.38 -10.89 10.55
C GLN C 1036 -24.97 -9.79 11.41
N LYS C 1037 -24.44 -9.60 12.60
CA LYS C 1037 -24.85 -8.50 13.45
C LYS C 1037 -23.67 -7.65 13.96
N SER C 1038 -23.89 -6.36 14.17
CA SER C 1038 -22.86 -5.48 14.68
C SER C 1038 -23.48 -4.09 14.80
N THR C 1039 -22.79 -3.20 15.47
CA THR C 1039 -23.32 -1.87 15.69
C THR C 1039 -23.47 -1.10 14.38
N SER C 1040 -22.58 -1.34 13.44
CA SER C 1040 -22.62 -0.70 12.14
C SER C 1040 -23.82 -1.15 11.34
N ILE C 1041 -24.03 -2.47 11.33
CA ILE C 1041 -25.14 -3.02 10.58
C ILE C 1041 -26.44 -2.39 11.10
N THR C 1042 -26.66 -2.43 12.41
CA THR C 1042 -27.89 -1.91 12.98
C THR C 1042 -28.02 -0.39 12.71
N THR C 1043 -26.92 0.34 12.92
CA THR C 1043 -26.97 1.76 12.58
C THR C 1043 -27.36 1.99 11.12
N ALA C 1044 -26.79 1.22 10.20
CA ALA C 1044 -27.08 1.40 8.77
C ALA C 1044 -28.55 1.13 8.49
N ARG C 1045 -29.04 -0.02 8.93
CA ARG C 1045 -30.46 -0.35 8.78
C ARG C 1045 -31.40 0.76 9.28
N ARG C 1046 -31.13 1.29 10.46
CA ARG C 1046 -31.98 2.31 11.03
C ARG C 1046 -31.89 3.63 10.26
N LEU C 1047 -30.70 3.95 9.75
CA LEU C 1047 -30.52 5.12 8.87
C LEU C 1047 -31.35 4.97 7.63
N GLY C 1048 -31.32 3.79 7.05
CA GLY C 1048 -32.18 3.43 5.94
C GLY C 1048 -33.65 3.70 6.22
N ASP C 1049 -34.16 3.14 7.33
CA ASP C 1049 -35.60 3.22 7.63
C ASP C 1049 -35.98 4.66 7.82
N PHE C 1050 -35.12 5.43 8.50
CA PHE C 1050 -35.45 6.77 8.91
C PHE C 1050 -35.20 7.82 7.79
N LEU C 1051 -34.08 7.73 7.07
CA LEU C 1051 -33.71 8.76 6.14
C LEU C 1051 -33.81 8.29 4.72
N GLY C 1052 -34.22 7.04 4.49
CA GLY C 1052 -34.44 6.50 3.14
C GLY C 1052 -33.35 5.54 2.67
N GLU C 1053 -33.72 4.57 1.84
CA GLU C 1053 -32.78 3.61 1.20
C GLU C 1053 -31.55 4.19 0.43
N ASP C 1054 -31.60 5.46 -0.01
CA ASP C 1054 -30.44 6.08 -0.67
C ASP C 1054 -29.23 6.13 0.29
N MET C 1055 -29.51 6.30 1.58
CA MET C 1055 -28.46 6.30 2.58
C MET C 1055 -27.54 5.07 2.50
N VAL C 1056 -28.07 3.91 2.14
CA VAL C 1056 -27.24 2.71 2.20
C VAL C 1056 -26.96 2.04 0.86
N LYS C 1057 -27.07 2.75 -0.26
CA LYS C 1057 -26.80 2.05 -1.52
C LYS C 1057 -25.29 1.96 -1.85
N ASP C 1058 -24.47 2.83 -1.26
CA ASP C 1058 -23.01 2.84 -1.51
C ASP C 1058 -22.23 2.17 -0.38
N LYS C 1059 -21.01 1.75 -0.71
CA LYS C 1059 -20.13 1.09 0.24
C LYS C 1059 -19.42 2.23 0.98
N GLY C 1060 -18.69 1.91 2.06
CA GLY C 1060 -17.95 2.93 2.82
C GLY C 1060 -18.82 3.84 3.71
N LEU C 1061 -20.06 3.43 4.00
CA LEU C 1061 -20.94 4.29 4.85
C LEU C 1061 -20.36 4.55 6.29
N GLN C 1062 -20.22 5.81 6.70
CA GLN C 1062 -19.83 6.16 8.06
C GLN C 1062 -21.02 6.07 9.04
N CYS C 1063 -21.07 5.03 9.84
CA CYS C 1063 -22.21 4.77 10.74
C CYS C 1063 -21.90 5.43 12.07
N LYS C 1064 -22.51 6.58 12.31
CA LYS C 1064 -22.28 7.31 13.53
C LYS C 1064 -23.44 7.01 14.50
N TYR C 1065 -23.12 6.47 15.66
CA TYR C 1065 -24.12 6.02 16.57
C TYR C 1065 -23.78 6.18 18.03
N ILE C 1066 -24.81 6.00 18.84
CA ILE C 1066 -24.75 6.07 20.30
C ILE C 1066 -25.42 4.79 20.77
N ILE C 1067 -24.99 4.27 21.93
CA ILE C 1067 -25.65 3.12 22.60
C ILE C 1067 -26.71 3.55 23.63
N SER C 1068 -27.93 3.02 23.50
CA SER C 1068 -29.08 3.49 24.32
C SER C 1068 -29.28 2.75 25.64
N SER C 1069 -30.17 3.27 26.50
CA SER C 1069 -30.48 2.69 27.82
C SER C 1069 -30.67 3.83 28.81
N LYS C 1070 -31.60 3.72 29.76
CA LYS C 1070 -31.73 4.77 30.79
C LYS C 1070 -31.70 4.10 32.17
N PRO C 1071 -32.79 3.53 32.72
CA PRO C 1071 -32.74 2.77 33.98
C PRO C 1071 -32.87 1.26 33.73
N PHE C 1072 -32.91 0.85 32.46
CA PHE C 1072 -33.14 -0.58 32.13
C PHE C 1072 -31.96 -1.15 31.33
N ASN C 1073 -32.24 -2.05 30.38
CA ASN C 1073 -31.17 -2.64 29.54
C ASN C 1073 -31.77 -3.41 28.35
N ALA C 1074 -30.91 -3.84 27.40
CA ALA C 1074 -31.36 -4.59 26.20
C ALA C 1074 -30.10 -5.05 25.44
N PRO C 1075 -30.18 -5.77 24.30
CA PRO C 1075 -28.97 -6.27 23.62
C PRO C 1075 -28.11 -5.15 23.02
N VAL C 1076 -26.77 -5.31 23.03
CA VAL C 1076 -25.82 -4.27 22.51
C VAL C 1076 -26.14 -3.89 21.06
N THR C 1077 -25.70 -4.71 20.09
CA THR C 1077 -25.90 -4.36 18.69
C THR C 1077 -27.36 -4.01 18.38
N GLU C 1078 -28.26 -4.36 19.28
CA GLU C 1078 -29.67 -3.96 19.10
C GLU C 1078 -29.93 -2.55 19.60
N ARG C 1079 -28.93 -1.93 20.24
CA ARG C 1079 -29.10 -0.62 20.83
C ARG C 1079 -28.28 0.50 20.25
N ALA C 1080 -27.79 0.33 19.03
CA ALA C 1080 -27.17 1.45 18.31
C ALA C 1080 -28.19 2.35 17.62
N ILE C 1081 -28.19 3.61 18.06
CA ILE C 1081 -28.99 4.63 17.52
C ILE C 1081 -28.16 5.61 16.70
N PRO C 1082 -28.55 5.87 15.44
CA PRO C 1082 -27.82 6.84 14.63
C PRO C 1082 -27.96 8.22 15.21
N VAL C 1083 -26.83 8.88 15.46
CA VAL C 1083 -26.89 10.17 16.09
C VAL C 1083 -27.66 11.17 15.22
N ALA C 1084 -27.70 10.93 13.92
CA ALA C 1084 -28.47 11.80 13.02
C ALA C 1084 -29.94 11.98 13.49
N ILE C 1085 -30.52 10.97 14.12
CA ILE C 1085 -31.89 11.08 14.58
C ILE C 1085 -32.08 12.32 15.49
N PHE C 1086 -31.07 12.70 16.23
CA PHE C 1086 -31.17 13.84 17.13
C PHE C 1086 -31.19 15.19 16.41
N SER C 1087 -31.17 15.20 15.08
CA SER C 1087 -31.35 16.42 14.32
C SER C 1087 -32.64 16.41 13.48
N ALA C 1088 -33.41 15.34 13.58
CA ALA C 1088 -34.69 15.24 12.87
C ALA C 1088 -35.74 16.15 13.52
N ASP C 1089 -36.79 16.44 12.74
CA ASP C 1089 -37.94 17.18 13.29
C ASP C 1089 -38.45 16.38 14.49
N ILE C 1090 -39.07 17.06 15.45
CA ILE C 1090 -39.52 16.39 16.71
C ILE C 1090 -40.48 15.20 16.53
N PRO C 1091 -41.50 15.31 15.66
CA PRO C 1091 -42.39 14.13 15.45
C PRO C 1091 -41.69 12.89 14.89
N ILE C 1092 -40.66 13.10 14.07
CA ILE C 1092 -39.90 11.98 13.46
C ILE C 1092 -39.03 11.30 14.51
N LYS C 1093 -38.25 12.13 15.18
CA LYS C 1093 -37.40 11.72 16.28
C LYS C 1093 -38.20 10.83 17.23
N ARG C 1094 -39.31 11.37 17.72
CA ARG C 1094 -40.21 10.67 18.62
C ARG C 1094 -40.61 9.31 18.09
N SER C 1095 -41.16 9.25 16.89
CA SER C 1095 -41.60 7.95 16.36
C SER C 1095 -40.46 6.94 16.36
N PHE C 1096 -39.24 7.39 16.01
CA PHE C 1096 -38.12 6.43 15.89
C PHE C 1096 -37.50 6.02 17.21
N LEU C 1097 -37.25 6.96 18.11
CA LEU C 1097 -36.64 6.59 19.38
C LEU C 1097 -37.56 5.61 20.13
N ARG C 1098 -38.88 5.82 19.99
CA ARG C 1098 -39.90 4.90 20.51
C ARG C 1098 -39.78 3.52 19.94
N ARG C 1099 -39.64 3.42 18.63
CA ARG C 1099 -39.44 2.13 18.02
C ARG C 1099 -38.17 1.45 18.55
N TRP C 1100 -37.11 2.24 18.59
CA TRP C 1100 -35.76 1.70 18.77
C TRP C 1100 -35.52 1.33 20.23
N THR C 1101 -36.18 2.03 21.13
CA THR C 1101 -36.12 1.67 22.55
C THR C 1101 -37.28 0.77 23.00
N LEU C 1102 -38.26 0.51 22.14
CA LEU C 1102 -39.45 -0.29 22.51
C LEU C 1102 -40.13 0.30 23.74
N ASP C 1103 -40.54 1.55 23.61
CA ASP C 1103 -41.17 2.32 24.66
C ASP C 1103 -42.19 3.20 23.95
N PRO C 1104 -43.44 2.71 23.83
CA PRO C 1104 -44.49 3.46 23.12
C PRO C 1104 -44.78 4.87 23.65
N SER C 1105 -44.59 5.02 24.96
CA SER C 1105 -45.08 6.17 25.72
C SER C 1105 -43.96 7.12 26.10
N LEU C 1106 -42.78 6.93 25.52
CA LEU C 1106 -41.64 7.81 25.80
C LEU C 1106 -41.96 9.28 25.41
N GLU C 1107 -41.71 10.18 26.35
CA GLU C 1107 -41.87 11.60 26.09
C GLU C 1107 -40.50 12.30 26.09
N ASP C 1108 -39.56 11.88 26.95
CA ASP C 1108 -38.26 12.55 27.08
C ASP C 1108 -37.32 12.13 25.97
N LEU C 1109 -36.94 13.11 25.16
CA LEU C 1109 -36.15 12.91 23.95
C LEU C 1109 -34.71 13.49 24.04
N ASP C 1110 -34.31 13.88 25.23
CA ASP C 1110 -32.98 14.34 25.46
C ASP C 1110 -32.04 13.18 25.39
N ILE C 1111 -31.08 13.30 24.51
CA ILE C 1111 -29.97 12.40 24.44
C ILE C 1111 -29.51 11.92 25.79
N ARG C 1112 -29.52 12.77 26.79
CA ARG C 1112 -29.02 12.41 28.09
C ARG C 1112 -29.80 11.34 28.80
N THR C 1113 -31.05 11.15 28.44
CA THR C 1113 -31.83 10.09 29.06
C THR C 1113 -31.84 8.88 28.19
N ILE C 1114 -31.46 9.05 26.94
CA ILE C 1114 -31.35 7.91 26.07
C ILE C 1114 -30.06 7.12 26.32
N ILE C 1115 -28.97 7.79 26.61
CA ILE C 1115 -27.64 7.20 26.69
C ILE C 1115 -27.45 6.17 27.79
N ASP C 1116 -26.71 5.13 27.48
CA ASP C 1116 -26.34 4.13 28.44
C ASP C 1116 -25.05 4.51 29.10
N TRP C 1117 -25.12 5.24 30.21
CA TRP C 1117 -23.90 5.74 30.87
C TRP C 1117 -23.03 4.62 31.42
N GLY C 1118 -23.61 3.53 31.85
CA GLY C 1118 -22.83 2.40 32.38
C GLY C 1118 -21.97 1.77 31.28
N TYR C 1119 -22.50 1.70 30.07
CA TYR C 1119 -21.73 1.23 28.93
C TYR C 1119 -20.49 2.11 28.70
N TYR C 1120 -20.62 3.45 28.73
CA TYR C 1120 -19.52 4.36 28.45
C TYR C 1120 -18.49 4.42 29.55
N ARG C 1121 -18.94 4.22 30.79
CA ARG C 1121 -18.06 4.18 31.95
C ARG C 1121 -17.21 2.92 31.97
N GLU C 1122 -17.77 1.81 31.55
CA GLU C 1122 -17.04 0.58 31.35
C GLU C 1122 -16.01 0.65 30.18
N ARG C 1123 -16.38 1.25 29.04
CA ARG C 1123 -15.39 1.48 27.95
C ARG C 1123 -14.22 2.38 28.42
N LEU C 1124 -14.52 3.50 29.08
CA LEU C 1124 -13.47 4.37 29.62
C LEU C 1124 -12.65 3.73 30.76
N GLY C 1125 -13.34 2.96 31.60
CA GLY C 1125 -12.66 2.22 32.67
C GLY C 1125 -11.61 1.31 32.10
N SER C 1126 -11.98 0.55 31.07
CA SER C 1126 -11.07 -0.30 30.38
C SER C 1126 -9.82 0.43 29.94
N ALA C 1127 -9.97 1.59 29.30
CA ALA C 1127 -8.81 2.33 28.83
C ALA C 1127 -7.88 2.77 29.98
N ILE C 1128 -8.52 3.12 31.10
CA ILE C 1128 -7.80 3.63 32.22
C ILE C 1128 -7.02 2.48 32.81
N GLN C 1129 -7.58 1.27 32.85
CA GLN C 1129 -6.88 0.06 33.31
C GLN C 1129 -5.63 -0.32 32.52
N LYS C 1130 -5.80 -0.39 31.20
CA LYS C 1130 -4.71 -0.79 30.29
C LYS C 1130 -3.58 0.20 30.23
N ILE C 1131 -3.87 1.49 30.29
CA ILE C 1131 -2.84 2.52 30.08
C ILE C 1131 -2.29 3.04 31.38
N ILE C 1132 -3.11 3.11 32.43
CA ILE C 1132 -2.70 3.71 33.69
C ILE C 1132 -2.67 2.72 34.89
N THR C 1133 -3.75 2.06 35.25
CA THR C 1133 -3.72 1.42 36.57
C THR C 1133 -3.00 0.11 36.61
N ILE C 1134 -3.21 -0.75 35.62
CA ILE C 1134 -2.59 -2.03 35.69
C ILE C 1134 -1.07 -1.91 35.48
N PRO C 1135 -0.64 -1.07 34.52
CA PRO C 1135 0.80 -0.88 34.45
C PRO C 1135 1.41 -0.30 35.70
N ALA C 1136 0.73 0.67 36.35
CA ALA C 1136 1.12 1.18 37.64
C ALA C 1136 1.36 0.07 38.64
N ALA C 1137 0.43 -0.87 38.69
CA ALA C 1137 0.51 -2.03 39.56
C ALA C 1137 1.75 -2.88 39.25
N LEU C 1138 2.03 -3.12 37.98
CA LEU C 1138 3.17 -3.92 37.61
C LEU C 1138 4.47 -3.18 37.88
N GLN C 1139 4.45 -1.87 38.01
CA GLN C 1139 5.65 -1.19 38.45
C GLN C 1139 5.60 -0.95 39.96
N GLY C 1140 4.68 -1.64 40.65
CA GLY C 1140 4.64 -1.62 42.10
C GLY C 1140 4.14 -0.30 42.65
N VAL C 1141 3.27 0.36 41.91
CA VAL C 1141 2.66 1.60 42.34
C VAL C 1141 1.22 1.27 42.65
N SER C 1142 0.72 1.75 43.77
CA SER C 1142 -0.61 1.37 44.19
C SER C 1142 -1.65 2.20 43.52
N ASN C 1143 -2.74 1.56 43.14
CA ASN C 1143 -3.80 2.13 42.31
C ASN C 1143 -3.97 3.63 42.36
N PRO C 1144 -3.37 4.30 41.29
CA PRO C 1144 -3.51 5.75 41.35
C PRO C 1144 -4.88 6.31 40.99
N VAL C 1145 -5.77 5.47 40.51
CA VAL C 1145 -7.09 5.88 40.16
C VAL C 1145 -8.07 4.98 40.88
N PRO C 1146 -8.29 5.21 42.17
CA PRO C 1146 -9.18 4.27 42.88
C PRO C 1146 -10.60 4.11 42.34
N ARG C 1147 -11.19 5.11 41.73
CA ARG C 1147 -12.54 4.95 41.19
C ARG C 1147 -12.57 3.87 40.08
N VAL C 1148 -11.41 3.42 39.60
CA VAL C 1148 -11.38 2.24 38.73
C VAL C 1148 -10.69 1.06 39.38
N GLU C 1149 -11.50 0.06 39.73
CA GLU C 1149 -11.02 -1.05 40.54
C GLU C 1149 -10.28 -2.06 39.68
N HIS C 1150 -9.24 -2.63 40.25
CA HIS C 1150 -8.47 -3.64 39.64
C HIS C 1150 -9.32 -4.84 39.38
N PRO C 1151 -9.01 -5.61 38.33
CA PRO C 1151 -9.67 -6.91 38.28
C PRO C 1151 -9.19 -7.84 39.40
N ASP C 1152 -9.97 -8.88 39.66
CA ASP C 1152 -9.79 -9.71 40.87
C ASP C 1152 -8.45 -10.38 40.85
N TRP C 1153 -8.05 -10.92 39.71
CA TRP C 1153 -6.79 -11.63 39.67
C TRP C 1153 -5.72 -10.74 40.23
N LEU C 1154 -5.79 -9.44 39.92
CA LEU C 1154 -4.73 -8.53 40.31
C LEU C 1154 -4.86 -8.13 41.77
N LYS C 1155 -6.07 -8.04 42.24
CA LYS C 1155 -6.27 -7.80 43.64
C LYS C 1155 -5.65 -8.96 44.39
N ARG C 1156 -6.06 -10.16 44.00
CA ARG C 1156 -5.49 -11.35 44.55
C ARG C 1156 -3.99 -11.37 44.48
N LYS C 1157 -3.43 -11.09 43.30
CA LYS C 1157 -1.97 -11.01 43.16
C LYS C 1157 -1.33 -10.38 44.40
N ILE C 1158 -1.86 -9.24 44.82
CA ILE C 1158 -1.27 -8.43 45.90
C ILE C 1158 -1.73 -8.78 47.31
N ALA C 1159 -1.24 -9.93 47.77
CA ALA C 1159 -1.39 -10.42 49.12
C ALA C 1159 -0.09 -11.13 49.47
N THR C 1160 0.36 -10.99 50.71
CA THR C 1160 1.58 -11.64 51.18
C THR C 1160 1.51 -11.89 52.68
FE1 SF4 D . 20.76 -28.87 -8.13
FE2 SF4 D . 23.00 -27.31 -8.30
FE3 SF4 D . 20.54 -26.19 -8.26
FE4 SF4 D . 21.35 -27.57 -10.43
S1 SF4 D . 22.26 -25.65 -9.64
S2 SF4 D . 19.33 -27.71 -9.41
S3 SF4 D . 22.57 -29.20 -9.48
S4 SF4 D . 21.50 -27.38 -6.60
#